data_2M99
#
_entry.id   2M99
#
_entity_poly.entity_id   1
_entity_poly.type   'polypeptide(L)'
_entity_poly.pdbx_seq_one_letter_code
;RPRFCELAPSAGSCFAFVPSYYYNQYSNTCHSFTYSGCGGNANRFRTIDECNRTCVG
;
_entity_poly.pdbx_strand_id   A
#
# COMPACT_ATOMS: atom_id res chain seq x y z
N ARG A 1 -3.88 10.59 -8.80
CA ARG A 1 -3.32 9.68 -7.79
C ARG A 1 -2.30 10.48 -6.96
N PRO A 2 -2.53 10.65 -5.65
CA PRO A 2 -1.60 11.35 -4.80
C PRO A 2 -0.28 10.58 -4.80
N ARG A 3 0.87 11.27 -4.76
CA ARG A 3 2.19 10.64 -4.76
C ARG A 3 2.42 9.73 -3.56
N PHE A 4 1.62 9.81 -2.51
CA PHE A 4 1.82 8.92 -1.37
C PHE A 4 1.47 7.48 -1.78
N CYS A 5 0.62 7.29 -2.80
CA CYS A 5 0.22 5.98 -3.27
C CYS A 5 1.24 5.29 -4.16
N GLU A 6 2.29 5.98 -4.57
CA GLU A 6 3.30 5.37 -5.45
C GLU A 6 4.57 4.98 -4.69
N LEU A 7 4.54 5.05 -3.35
CA LEU A 7 5.70 4.77 -2.54
C LEU A 7 5.92 3.27 -2.43
N ALA A 8 7.12 2.91 -1.98
CA ALA A 8 7.58 1.55 -1.80
C ALA A 8 7.36 1.20 -0.33
N PRO A 9 6.40 0.33 0.00
CA PRO A 9 6.12 -0.03 1.38
C PRO A 9 7.28 -0.85 1.95
N SER A 10 8.22 -0.18 2.64
CA SER A 10 9.42 -0.73 3.26
C SER A 10 9.14 -1.72 4.40
N ALA A 11 8.55 -2.87 4.10
CA ALA A 11 8.20 -3.92 5.04
C ALA A 11 9.45 -4.62 5.61
N GLY A 12 10.59 -4.57 4.92
CA GLY A 12 11.82 -5.21 5.38
C GLY A 12 12.47 -4.52 6.58
N SER A 13 11.96 -3.37 7.00
CA SER A 13 12.48 -2.60 8.13
C SER A 13 12.57 -3.45 9.42
N CYS A 14 11.55 -4.26 9.74
CA CYS A 14 11.52 -5.11 10.93
C CYS A 14 10.78 -6.40 10.58
N PHE A 15 10.81 -7.39 11.49
CA PHE A 15 10.14 -8.65 11.23
C PHE A 15 8.70 -8.54 11.71
N ALA A 16 7.76 -8.46 10.78
CA ALA A 16 6.35 -8.40 11.12
C ALA A 16 5.49 -9.03 10.03
N PHE A 17 4.29 -9.42 10.40
CA PHE A 17 3.33 -10.03 9.50
C PHE A 17 1.98 -9.34 9.67
N VAL A 18 1.66 -8.39 8.81
CA VAL A 18 0.41 -7.64 8.78
C VAL A 18 0.04 -7.51 7.30
N PRO A 19 -0.84 -8.35 6.73
CA PRO A 19 -1.21 -8.24 5.33
C PRO A 19 -2.01 -6.96 5.13
N SER A 20 -1.54 -6.09 4.24
CA SER A 20 -2.17 -4.81 3.89
C SER A 20 -2.40 -4.67 2.37
N TYR A 21 -2.87 -3.52 1.87
CA TYR A 21 -3.17 -3.28 0.45
C TYR A 21 -2.22 -2.29 -0.20
N TYR A 22 -1.76 -2.64 -1.40
CA TYR A 22 -0.85 -1.92 -2.26
C TYR A 22 -1.69 -1.23 -3.34
N TYR A 23 -1.17 -0.16 -3.94
CA TYR A 23 -1.83 0.59 -5.01
C TYR A 23 -0.98 0.38 -6.26
N ASN A 24 -1.60 0.04 -7.39
CA ASN A 24 -0.92 -0.22 -8.65
C ASN A 24 -1.42 0.72 -9.74
N GLN A 25 -0.83 1.91 -9.86
CA GLN A 25 -1.17 2.90 -10.89
C GLN A 25 -1.13 2.27 -12.28
N TYR A 26 -0.17 1.37 -12.52
CA TYR A 26 0.01 0.68 -13.79
C TYR A 26 -1.27 -0.02 -14.27
N SER A 27 -2.11 -0.48 -13.35
CA SER A 27 -3.36 -1.16 -13.66
C SER A 27 -4.58 -0.42 -13.10
N ASN A 28 -4.42 0.83 -12.65
CA ASN A 28 -5.47 1.68 -12.08
C ASN A 28 -6.31 0.90 -11.07
N THR A 29 -5.66 0.16 -10.19
CA THR A 29 -6.34 -0.62 -9.17
C THR A 29 -5.40 -0.79 -7.97
N CYS A 30 -5.77 -1.69 -7.06
CA CYS A 30 -5.05 -2.02 -5.85
C CYS A 30 -4.98 -3.53 -5.72
N HIS A 31 -4.09 -4.02 -4.87
CA HIS A 31 -3.95 -5.45 -4.67
C HIS A 31 -3.39 -5.73 -3.29
N SER A 32 -3.87 -6.79 -2.64
CA SER A 32 -3.36 -7.14 -1.31
C SER A 32 -1.88 -7.54 -1.40
N PHE A 33 -1.06 -7.09 -0.45
CA PHE A 33 0.38 -7.37 -0.32
C PHE A 33 0.71 -7.62 1.16
N THR A 34 1.97 -7.85 1.52
CA THR A 34 2.42 -8.10 2.90
C THR A 34 3.15 -6.87 3.49
N TYR A 35 2.73 -6.36 4.66
CA TYR A 35 3.32 -5.18 5.32
C TYR A 35 3.94 -5.56 6.67
N SER A 36 4.53 -4.58 7.38
CA SER A 36 5.16 -4.75 8.68
C SER A 36 4.73 -3.60 9.60
N GLY A 37 4.74 -3.83 10.92
CA GLY A 37 4.37 -2.83 11.91
C GLY A 37 5.34 -1.66 11.81
N CYS A 38 6.63 -1.94 11.99
CA CYS A 38 7.69 -0.93 11.90
C CYS A 38 8.00 -0.69 10.42
N GLY A 39 8.52 0.50 10.13
CA GLY A 39 8.89 0.85 8.78
C GLY A 39 7.69 1.07 7.88
N GLY A 40 7.84 0.66 6.63
CA GLY A 40 6.81 0.79 5.62
C GLY A 40 6.71 2.24 5.13
N ASN A 41 5.93 2.46 4.07
CA ASN A 41 5.68 3.77 3.46
C ASN A 41 4.17 3.90 3.27
N ALA A 42 3.72 5.14 3.01
CA ALA A 42 2.33 5.50 2.85
C ALA A 42 1.49 4.79 1.80
N ASN A 43 2.02 4.09 0.78
CA ASN A 43 1.11 3.45 -0.19
C ASN A 43 0.28 2.31 0.42
N ARG A 44 0.57 1.91 1.66
CA ARG A 44 -0.13 0.85 2.36
C ARG A 44 -1.50 1.31 2.83
N PHE A 45 -2.51 0.48 2.58
CA PHE A 45 -3.90 0.67 2.97
C PHE A 45 -4.42 -0.54 3.75
N ARG A 46 -5.59 -0.40 4.36
CA ARG A 46 -6.27 -1.44 5.15
C ARG A 46 -7.40 -2.07 4.33
N THR A 47 -7.78 -1.44 3.22
CA THR A 47 -8.80 -1.96 2.34
C THR A 47 -8.65 -1.39 0.94
N ILE A 48 -9.15 -2.13 -0.05
CA ILE A 48 -9.11 -1.69 -1.44
C ILE A 48 -10.08 -0.52 -1.60
N ASP A 49 -11.12 -0.41 -0.77
CA ASP A 49 -12.11 0.67 -0.83
C ASP A 49 -11.45 2.03 -0.59
N GLU A 50 -10.48 2.09 0.33
CA GLU A 50 -9.77 3.31 0.69
C GLU A 50 -8.76 3.55 -0.41
N CYS A 51 -8.02 2.50 -0.76
CA CYS A 51 -7.01 2.55 -1.77
C CYS A 51 -7.57 3.06 -3.11
N ASN A 52 -8.67 2.48 -3.58
CA ASN A 52 -9.28 2.86 -4.84
C ASN A 52 -9.84 4.26 -4.73
N ARG A 53 -10.70 4.52 -3.74
CA ARG A 53 -11.29 5.84 -3.61
C ARG A 53 -10.32 7.02 -3.51
N THR A 54 -9.11 6.81 -2.97
CA THR A 54 -8.14 7.88 -2.82
C THR A 54 -7.08 7.96 -3.93
N CYS A 55 -6.83 6.91 -4.73
CA CYS A 55 -5.80 6.95 -5.77
C CYS A 55 -6.21 6.40 -7.13
N VAL A 56 -7.26 5.57 -7.21
CA VAL A 56 -7.70 5.04 -8.50
C VAL A 56 -8.49 6.20 -9.14
N GLY A 57 -7.79 6.99 -9.93
CA GLY A 57 -8.35 8.14 -10.64
C GLY A 57 -9.07 7.67 -11.88
N ARG A 1 -4.29 11.04 -8.55
CA ARG A 1 -3.68 9.98 -7.73
C ARG A 1 -2.59 10.65 -6.88
N PRO A 2 -2.69 10.63 -5.54
CA PRO A 2 -1.71 11.26 -4.67
C PRO A 2 -0.35 10.57 -4.74
N ARG A 3 0.73 11.32 -4.54
CA ARG A 3 2.09 10.80 -4.60
C ARG A 3 2.40 9.80 -3.50
N PHE A 4 1.67 9.84 -2.37
CA PHE A 4 1.92 8.90 -1.29
C PHE A 4 1.52 7.47 -1.73
N CYS A 5 0.60 7.32 -2.68
CA CYS A 5 0.15 6.03 -3.15
C CYS A 5 1.17 5.35 -4.05
N GLU A 6 2.21 6.05 -4.51
CA GLU A 6 3.19 5.45 -5.41
C GLU A 6 4.54 5.14 -4.75
N LEU A 7 4.57 5.06 -3.41
CA LEU A 7 5.78 4.80 -2.65
C LEU A 7 6.03 3.29 -2.57
N ALA A 8 7.23 2.91 -2.13
CA ALA A 8 7.65 1.51 -1.99
C ALA A 8 7.49 1.14 -0.51
N PRO A 9 6.63 0.17 -0.16
CA PRO A 9 6.41 -0.21 1.23
C PRO A 9 7.64 -0.88 1.83
N SER A 10 8.39 -0.13 2.65
CA SER A 10 9.61 -0.57 3.36
C SER A 10 9.32 -1.55 4.51
N ALA A 11 8.55 -2.61 4.25
CA ALA A 11 8.16 -3.63 5.21
C ALA A 11 9.34 -4.43 5.78
N GLY A 12 10.49 -4.45 5.11
CA GLY A 12 11.66 -5.19 5.58
C GLY A 12 12.34 -4.56 6.79
N SER A 13 11.87 -3.38 7.23
CA SER A 13 12.42 -2.65 8.36
C SER A 13 12.33 -3.42 9.68
N CYS A 14 11.25 -4.15 9.94
CA CYS A 14 11.04 -4.93 11.15
C CYS A 14 10.40 -6.26 10.78
N PHE A 15 10.39 -7.21 11.71
CA PHE A 15 9.82 -8.52 11.47
C PHE A 15 8.41 -8.56 12.04
N ALA A 16 7.42 -8.51 11.17
CA ALA A 16 6.02 -8.58 11.54
C ALA A 16 5.28 -9.25 10.37
N PHE A 17 4.03 -9.65 10.60
CA PHE A 17 3.20 -10.25 9.57
C PHE A 17 1.84 -9.55 9.61
N VAL A 18 1.61 -8.57 8.74
CA VAL A 18 0.36 -7.84 8.65
C VAL A 18 0.00 -7.67 7.17
N PRO A 19 -0.79 -8.57 6.55
CA PRO A 19 -1.14 -8.41 5.15
C PRO A 19 -1.91 -7.11 5.00
N SER A 20 -1.42 -6.24 4.12
CA SER A 20 -2.02 -4.93 3.87
C SER A 20 -2.35 -4.78 2.37
N TYR A 21 -2.81 -3.63 1.90
CA TYR A 21 -3.13 -3.42 0.47
C TYR A 21 -2.13 -2.46 -0.16
N TYR A 22 -1.69 -2.81 -1.35
CA TYR A 22 -0.75 -2.13 -2.22
C TYR A 22 -1.56 -1.41 -3.30
N TYR A 23 -0.99 -0.38 -3.92
CA TYR A 23 -1.60 0.41 -4.99
C TYR A 23 -0.74 0.28 -6.24
N ASN A 24 -1.37 -0.02 -7.40
CA ASN A 24 -0.68 -0.18 -8.67
C ASN A 24 -1.25 0.78 -9.71
N GLN A 25 -0.67 1.98 -9.81
CA GLN A 25 -1.06 3.02 -10.77
C GLN A 25 -1.07 2.48 -12.20
N TYR A 26 -0.08 1.63 -12.53
CA TYR A 26 0.09 1.01 -13.82
C TYR A 26 -1.18 0.31 -14.30
N SER A 27 -1.95 -0.26 -13.38
CA SER A 27 -3.18 -0.99 -13.63
C SER A 27 -4.42 -0.27 -13.06
N ASN A 28 -4.25 0.96 -12.55
CA ASN A 28 -5.27 1.79 -11.95
C ASN A 28 -6.12 0.96 -10.99
N THR A 29 -5.47 0.23 -10.09
CA THR A 29 -6.15 -0.61 -9.11
C THR A 29 -5.26 -0.78 -7.88
N CYS A 30 -5.70 -1.62 -6.94
CA CYS A 30 -5.01 -1.94 -5.70
C CYS A 30 -4.97 -3.45 -5.62
N HIS A 31 -4.06 -4.00 -4.82
CA HIS A 31 -3.92 -5.44 -4.68
C HIS A 31 -3.39 -5.76 -3.29
N SER A 32 -3.93 -6.77 -2.61
CA SER A 32 -3.44 -7.13 -1.30
C SER A 32 -1.99 -7.62 -1.39
N PHE A 33 -1.17 -7.31 -0.39
CA PHE A 33 0.26 -7.66 -0.27
C PHE A 33 0.62 -7.91 1.20
N THR A 34 1.89 -8.22 1.47
CA THR A 34 2.40 -8.49 2.82
C THR A 34 3.14 -7.26 3.34
N TYR A 35 2.77 -6.75 4.53
CA TYR A 35 3.40 -5.58 5.14
C TYR A 35 3.95 -5.91 6.54
N SER A 36 4.61 -4.95 7.19
CA SER A 36 5.19 -5.08 8.52
C SER A 36 4.74 -3.91 9.40
N GLY A 37 5.05 -3.94 10.69
CA GLY A 37 4.66 -2.90 11.63
C GLY A 37 5.47 -1.63 11.44
N CYS A 38 6.74 -1.67 11.85
CA CYS A 38 7.64 -0.52 11.73
C CYS A 38 8.02 -0.25 10.27
N GLY A 39 8.72 0.86 10.04
CA GLY A 39 9.18 1.25 8.72
C GLY A 39 7.98 1.44 7.81
N GLY A 40 8.04 0.84 6.62
CA GLY A 40 6.99 0.93 5.63
C GLY A 40 6.86 2.35 5.08
N ASN A 41 6.09 2.53 4.01
CA ASN A 41 5.83 3.83 3.38
C ASN A 41 4.33 3.93 3.17
N ALA A 42 3.84 5.15 2.96
CA ALA A 42 2.44 5.47 2.80
C ALA A 42 1.67 4.77 1.68
N ASN A 43 2.26 4.06 0.70
CA ASN A 43 1.36 3.42 -0.28
C ASN A 43 0.49 2.36 0.37
N ARG A 44 0.89 1.84 1.53
CA ARG A 44 0.16 0.83 2.25
C ARG A 44 -1.09 1.41 2.89
N PHE A 45 -2.23 0.81 2.59
CA PHE A 45 -3.52 1.14 3.15
C PHE A 45 -4.09 -0.19 3.69
N ARG A 46 -5.36 -0.21 4.11
CA ARG A 46 -6.03 -1.35 4.74
C ARG A 46 -7.18 -1.96 3.96
N THR A 47 -7.63 -1.33 2.89
CA THR A 47 -8.72 -1.87 2.08
C THR A 47 -8.69 -1.27 0.68
N ILE A 48 -9.09 -2.08 -0.29
CA ILE A 48 -9.17 -1.65 -1.66
C ILE A 48 -10.18 -0.52 -1.79
N ASP A 49 -11.18 -0.43 -0.91
CA ASP A 49 -12.18 0.64 -0.99
C ASP A 49 -11.54 2.00 -0.74
N GLU A 50 -10.66 2.11 0.26
CA GLU A 50 -9.99 3.33 0.64
C GLU A 50 -8.94 3.66 -0.40
N CYS A 51 -8.22 2.62 -0.85
CA CYS A 51 -7.17 2.77 -1.83
C CYS A 51 -7.72 3.20 -3.18
N ASN A 52 -8.79 2.54 -3.65
CA ASN A 52 -9.38 2.85 -4.93
C ASN A 52 -9.99 4.24 -4.86
N ARG A 53 -10.83 4.49 -3.85
CA ARG A 53 -11.45 5.81 -3.72
C ARG A 53 -10.43 6.95 -3.60
N THR A 54 -9.22 6.72 -3.07
CA THR A 54 -8.22 7.78 -2.93
C THR A 54 -7.16 7.83 -4.05
N CYS A 55 -6.91 6.79 -4.84
CA CYS A 55 -5.87 6.80 -5.88
C CYS A 55 -6.30 6.21 -7.22
N VAL A 56 -7.40 5.49 -7.30
CA VAL A 56 -7.87 4.90 -8.55
C VAL A 56 -8.69 5.95 -9.31
N GLY A 57 -7.96 6.86 -9.95
CA GLY A 57 -8.52 7.95 -10.75
C GLY A 57 -8.90 9.17 -9.96
N ARG A 1 -4.17 10.80 -8.74
CA ARG A 1 -3.63 9.84 -7.76
C ARG A 1 -2.61 10.55 -6.86
N PRO A 2 -2.79 10.53 -5.53
CA PRO A 2 -1.86 11.18 -4.63
C PRO A 2 -0.51 10.46 -4.63
N ARG A 3 0.58 11.21 -4.45
CA ARG A 3 1.93 10.65 -4.46
C ARG A 3 2.17 9.66 -3.33
N PHE A 4 1.41 9.73 -2.23
CA PHE A 4 1.64 8.77 -1.15
C PHE A 4 1.27 7.36 -1.60
N CYS A 5 0.42 7.25 -2.63
CA CYS A 5 -0.05 6.00 -3.19
C CYS A 5 0.96 5.36 -4.14
N GLU A 6 2.06 6.02 -4.49
CA GLU A 6 3.06 5.45 -5.39
C GLU A 6 4.39 5.22 -4.67
N LEU A 7 4.41 5.23 -3.33
CA LEU A 7 5.64 5.01 -2.57
C LEU A 7 5.93 3.51 -2.54
N ALA A 8 7.15 3.16 -2.14
CA ALA A 8 7.62 1.79 -2.04
C ALA A 8 7.51 1.45 -0.56
N PRO A 9 6.59 0.58 -0.10
CA PRO A 9 6.45 0.25 1.31
C PRO A 9 7.63 -0.57 1.85
N SER A 10 8.44 0.03 2.72
CA SER A 10 9.61 -0.54 3.39
C SER A 10 9.24 -1.65 4.42
N ALA A 11 8.61 -2.73 3.93
CA ALA A 11 8.15 -3.89 4.69
C ALA A 11 9.28 -4.75 5.26
N GLY A 12 10.55 -4.43 4.99
CA GLY A 12 11.70 -5.19 5.48
C GLY A 12 12.26 -4.64 6.79
N SER A 13 11.58 -3.65 7.37
CA SER A 13 11.90 -2.95 8.59
C SER A 13 11.97 -3.88 9.81
N CYS A 14 10.87 -4.57 10.14
CA CYS A 14 10.76 -5.49 11.26
C CYS A 14 10.26 -6.85 10.78
N PHE A 15 10.29 -7.83 11.68
CA PHE A 15 9.80 -9.15 11.34
C PHE A 15 8.36 -9.14 11.82
N ALA A 16 7.42 -9.05 10.88
CA ALA A 16 6.01 -9.06 11.18
C ALA A 16 5.24 -9.63 10.01
N PHE A 17 3.99 -10.02 10.27
CA PHE A 17 3.08 -10.53 9.26
C PHE A 17 1.79 -9.76 9.46
N VAL A 18 1.57 -8.71 8.67
CA VAL A 18 0.37 -7.89 8.71
C VAL A 18 0.06 -7.64 7.25
N PRO A 19 -0.83 -8.40 6.61
CA PRO A 19 -1.14 -8.17 5.20
C PRO A 19 -1.82 -6.82 5.04
N SER A 20 -1.31 -5.99 4.13
CA SER A 20 -1.84 -4.68 3.79
C SER A 20 -2.20 -4.66 2.28
N TYR A 21 -2.59 -3.51 1.76
CA TYR A 21 -3.00 -3.27 0.38
C TYR A 21 -2.00 -2.32 -0.28
N TYR A 22 -1.56 -2.65 -1.49
CA TYR A 22 -0.61 -1.92 -2.34
C TYR A 22 -1.31 -1.26 -3.53
N TYR A 23 -0.99 -0.02 -3.88
CA TYR A 23 -1.64 0.62 -5.02
C TYR A 23 -0.75 0.51 -6.25
N ASN A 24 -1.26 -0.03 -7.36
CA ASN A 24 -0.52 -0.19 -8.62
C ASN A 24 -1.13 0.77 -9.63
N GLN A 25 -0.63 2.02 -9.67
CA GLN A 25 -1.12 3.05 -10.58
C GLN A 25 -1.02 2.61 -12.05
N TYR A 26 -0.08 1.70 -12.39
CA TYR A 26 0.12 1.17 -13.73
C TYR A 26 -1.13 0.47 -14.26
N SER A 27 -1.92 -0.14 -13.37
CA SER A 27 -3.14 -0.87 -13.70
C SER A 27 -4.38 -0.18 -13.12
N ASN A 28 -4.22 1.03 -12.57
CA ASN A 28 -5.25 1.86 -11.96
C ASN A 28 -6.11 1.01 -11.04
N THR A 29 -5.46 0.24 -10.16
CA THR A 29 -6.14 -0.62 -9.21
C THR A 29 -5.19 -0.88 -8.05
N CYS A 30 -5.62 -1.72 -7.12
CA CYS A 30 -4.84 -2.06 -5.96
C CYS A 30 -4.91 -3.57 -5.77
N HIS A 31 -3.98 -4.13 -5.01
CA HIS A 31 -3.90 -5.56 -4.72
C HIS A 31 -3.24 -5.76 -3.36
N SER A 32 -3.70 -6.72 -2.57
CA SER A 32 -3.15 -7.00 -1.25
C SER A 32 -1.69 -7.47 -1.37
N PHE A 33 -0.83 -7.00 -0.46
CA PHE A 33 0.60 -7.30 -0.34
C PHE A 33 0.94 -7.62 1.11
N THR A 34 2.20 -7.89 1.46
CA THR A 34 2.63 -8.20 2.83
C THR A 34 3.33 -6.97 3.46
N TYR A 35 2.92 -6.53 4.67
CA TYR A 35 3.49 -5.39 5.36
C TYR A 35 4.08 -5.78 6.73
N SER A 36 4.66 -4.83 7.45
CA SER A 36 5.25 -4.94 8.77
C SER A 36 4.93 -3.60 9.45
N GLY A 37 4.49 -3.60 10.70
CA GLY A 37 4.13 -2.39 11.44
C GLY A 37 5.20 -1.29 11.44
N CYS A 38 6.47 -1.65 11.63
CA CYS A 38 7.60 -0.73 11.65
C CYS A 38 7.89 -0.12 10.27
N GLY A 39 8.87 0.78 10.20
CA GLY A 39 9.35 1.48 9.01
C GLY A 39 8.24 1.74 8.02
N GLY A 40 8.29 1.05 6.89
CA GLY A 40 7.30 1.17 5.85
C GLY A 40 7.22 2.57 5.26
N ASN A 41 6.31 2.69 4.28
CA ASN A 41 6.02 3.94 3.60
C ASN A 41 4.51 4.06 3.51
N ALA A 42 4.05 5.27 3.19
CA ALA A 42 2.64 5.60 3.08
C ALA A 42 1.82 4.76 2.09
N ASN A 43 2.45 3.95 1.23
CA ASN A 43 1.74 3.09 0.28
C ASN A 43 0.94 1.98 1.00
N ARG A 44 1.06 1.83 2.33
CA ARG A 44 0.31 0.84 3.09
C ARG A 44 -1.07 1.43 3.36
N PHE A 45 -2.11 0.61 3.20
CA PHE A 45 -3.51 0.97 3.41
C PHE A 45 -4.20 -0.14 4.21
N ARG A 46 -5.50 0.00 4.46
CA ARG A 46 -6.28 -0.99 5.21
C ARG A 46 -7.36 -1.67 4.36
N THR A 47 -7.69 -1.13 3.19
CA THR A 47 -8.69 -1.73 2.31
C THR A 47 -8.56 -1.21 0.90
N ILE A 48 -9.05 -2.00 -0.05
CA ILE A 48 -9.05 -1.64 -1.44
C ILE A 48 -10.08 -0.51 -1.64
N ASP A 49 -11.11 -0.44 -0.79
CA ASP A 49 -12.15 0.58 -0.86
C ASP A 49 -11.55 1.98 -0.75
N GLU A 50 -10.60 2.16 0.17
CA GLU A 50 -9.95 3.44 0.41
C GLU A 50 -8.90 3.67 -0.67
N CYS A 51 -8.10 2.65 -0.99
CA CYS A 51 -7.07 2.81 -2.00
C CYS A 51 -7.65 3.18 -3.37
N ASN A 52 -8.81 2.63 -3.72
CA ASN A 52 -9.44 2.88 -4.99
C ASN A 52 -10.09 4.26 -4.96
N ARG A 53 -10.99 4.51 -4.01
CA ARG A 53 -11.66 5.82 -3.93
C ARG A 53 -10.69 7.00 -3.85
N THR A 54 -9.48 6.80 -3.31
CA THR A 54 -8.48 7.85 -3.15
C THR A 54 -7.39 7.91 -4.25
N CYS A 55 -7.13 6.84 -5.02
CA CYS A 55 -6.08 6.86 -6.05
C CYS A 55 -6.51 6.26 -7.39
N VAL A 56 -7.62 5.54 -7.47
CA VAL A 56 -8.10 4.93 -8.71
C VAL A 56 -9.00 5.90 -9.46
N GLY A 57 -8.38 6.73 -10.30
CA GLY A 57 -9.14 7.68 -11.11
C GLY A 57 -9.19 9.02 -10.42
N ARG A 1 -4.03 10.44 -8.84
CA ARG A 1 -3.41 9.56 -7.85
C ARG A 1 -2.34 10.35 -7.07
N PRO A 2 -2.44 10.40 -5.74
CA PRO A 2 -1.50 11.14 -4.90
C PRO A 2 -0.14 10.46 -4.86
N ARG A 3 0.93 11.26 -4.86
CA ARG A 3 2.34 10.82 -4.86
C ARG A 3 2.77 9.97 -3.65
N PHE A 4 1.91 9.78 -2.65
CA PHE A 4 2.23 8.94 -1.50
C PHE A 4 1.76 7.50 -1.75
N CYS A 5 0.79 7.31 -2.64
CA CYS A 5 0.23 6.01 -2.97
C CYS A 5 1.16 5.20 -3.88
N GLU A 6 2.11 5.88 -4.51
CA GLU A 6 3.08 5.31 -5.44
C GLU A 6 4.45 5.00 -4.81
N LEU A 7 4.54 4.91 -3.48
CA LEU A 7 5.82 4.62 -2.83
C LEU A 7 6.03 3.11 -2.76
N ALA A 8 7.21 2.69 -2.33
CA ALA A 8 7.61 1.30 -2.20
C ALA A 8 7.43 0.91 -0.75
N PRO A 9 6.58 -0.08 -0.42
CA PRO A 9 6.37 -0.47 0.97
C PRO A 9 7.63 -1.10 1.59
N SER A 10 8.32 -0.35 2.45
CA SER A 10 9.54 -0.77 3.13
C SER A 10 9.23 -1.77 4.27
N ALA A 11 8.56 -2.88 3.96
CA ALA A 11 8.16 -3.91 4.91
C ALA A 11 9.33 -4.75 5.46
N GLY A 12 10.53 -4.65 4.91
CA GLY A 12 11.69 -5.42 5.38
C GLY A 12 12.32 -4.85 6.65
N SER A 13 11.94 -3.63 7.02
CA SER A 13 12.45 -2.91 8.19
C SER A 13 12.25 -3.65 9.51
N CYS A 14 11.15 -4.40 9.65
CA CYS A 14 10.81 -5.14 10.85
C CYS A 14 10.22 -6.48 10.45
N PHE A 15 10.11 -7.40 11.41
CA PHE A 15 9.52 -8.70 11.17
C PHE A 15 8.27 -8.79 12.03
N ALA A 16 7.15 -8.70 11.34
CA ALA A 16 5.78 -8.77 11.82
C ALA A 16 4.98 -9.39 10.66
N PHE A 17 3.71 -9.72 10.89
CA PHE A 17 2.86 -10.28 9.85
C PHE A 17 1.53 -9.54 9.86
N VAL A 18 1.39 -8.56 8.97
CA VAL A 18 0.20 -7.76 8.82
C VAL A 18 -0.08 -7.60 7.33
N PRO A 19 -1.01 -8.37 6.74
CA PRO A 19 -1.31 -8.22 5.33
C PRO A 19 -1.98 -6.86 5.18
N SER A 20 -1.43 -6.01 4.33
CA SER A 20 -1.95 -4.69 4.05
C SER A 20 -2.19 -4.59 2.51
N TYR A 21 -2.56 -3.43 1.95
CA TYR A 21 -2.88 -3.26 0.52
C TYR A 21 -1.93 -2.36 -0.28
N TYR A 22 -1.56 -2.80 -1.50
CA TYR A 22 -0.66 -2.20 -2.49
C TYR A 22 -1.40 -1.55 -3.66
N TYR A 23 -1.07 -0.33 -4.04
CA TYR A 23 -1.74 0.35 -5.15
C TYR A 23 -0.95 0.15 -6.44
N ASN A 24 -1.58 -0.16 -7.56
CA ASN A 24 -0.87 -0.33 -8.82
C ASN A 24 -1.49 0.62 -9.85
N GLN A 25 -1.01 1.87 -9.89
CA GLN A 25 -1.48 2.88 -10.82
C GLN A 25 -1.38 2.40 -12.27
N TYR A 26 -0.41 1.53 -12.59
CA TYR A 26 -0.23 0.96 -13.92
C TYR A 26 -1.52 0.30 -14.41
N SER A 27 -2.27 -0.31 -13.49
CA SER A 27 -3.52 -1.02 -13.74
C SER A 27 -4.73 -0.31 -13.14
N ASN A 28 -4.59 0.91 -12.61
CA ASN A 28 -5.66 1.71 -12.00
C ASN A 28 -6.47 0.91 -10.97
N THR A 29 -5.81 0.03 -10.20
CA THR A 29 -6.46 -0.77 -9.17
C THR A 29 -5.49 -0.95 -7.99
N CYS A 30 -5.84 -1.79 -7.01
CA CYS A 30 -5.05 -2.05 -5.84
C CYS A 30 -5.16 -3.55 -5.56
N HIS A 31 -4.17 -4.14 -4.88
CA HIS A 31 -4.12 -5.55 -4.55
C HIS A 31 -3.47 -5.79 -3.18
N SER A 32 -3.95 -6.75 -2.40
CA SER A 32 -3.38 -7.04 -1.09
C SER A 32 -1.96 -7.59 -1.24
N PHE A 33 -1.06 -7.20 -0.33
CA PHE A 33 0.34 -7.61 -0.26
C PHE A 33 0.75 -7.72 1.22
N THR A 34 2.01 -8.05 1.50
CA THR A 34 2.52 -8.20 2.87
C THR A 34 3.16 -6.94 3.48
N TYR A 35 2.79 -6.54 4.69
CA TYR A 35 3.39 -5.38 5.37
C TYR A 35 4.01 -5.79 6.71
N SER A 36 4.60 -4.85 7.44
CA SER A 36 5.23 -5.10 8.73
C SER A 36 4.94 -3.96 9.72
N GLY A 37 5.43 -4.07 10.95
CA GLY A 37 5.23 -3.11 12.02
C GLY A 37 5.97 -1.80 11.79
N CYS A 38 7.29 -1.79 12.04
CA CYS A 38 8.08 -0.58 11.85
C CYS A 38 8.46 -0.39 10.38
N GLY A 39 9.03 0.77 10.07
CA GLY A 39 9.45 1.13 8.72
C GLY A 39 8.23 1.30 7.84
N GLY A 40 8.22 0.63 6.68
CA GLY A 40 7.14 0.71 5.72
C GLY A 40 7.07 2.10 5.10
N ASN A 41 6.23 2.33 4.09
CA ASN A 41 6.06 3.63 3.43
C ASN A 41 4.57 3.98 3.39
N ALA A 42 4.29 5.24 3.03
CA ALA A 42 2.94 5.80 2.94
C ALA A 42 2.04 5.07 1.93
N ASN A 43 2.59 4.29 1.01
CA ASN A 43 1.77 3.58 0.04
C ASN A 43 0.89 2.51 0.71
N ARG A 44 1.05 2.23 2.00
CA ARG A 44 0.28 1.22 2.70
C ARG A 44 -1.17 1.64 2.89
N PHE A 45 -2.07 0.69 2.70
CA PHE A 45 -3.51 0.84 2.87
C PHE A 45 -4.05 -0.34 3.67
N ARG A 46 -5.23 -0.17 4.24
CA ARG A 46 -5.90 -1.20 5.03
C ARG A 46 -6.94 -1.91 4.19
N THR A 47 -7.37 -1.32 3.06
CA THR A 47 -8.34 -1.92 2.18
C THR A 47 -8.25 -1.28 0.80
N ILE A 48 -8.74 -2.01 -0.20
CA ILE A 48 -8.79 -1.56 -1.57
C ILE A 48 -9.85 -0.46 -1.67
N ASP A 49 -10.89 -0.48 -0.83
CA ASP A 49 -11.96 0.52 -0.87
C ASP A 49 -11.41 1.92 -0.60
N GLU A 50 -10.40 2.02 0.26
CA GLU A 50 -9.77 3.29 0.60
C GLU A 50 -8.72 3.59 -0.45
N CYS A 51 -7.93 2.58 -0.83
CA CYS A 51 -6.89 2.78 -1.81
C CYS A 51 -7.46 3.29 -3.14
N ASN A 52 -8.58 2.71 -3.57
CA ASN A 52 -9.20 3.09 -4.82
C ASN A 52 -9.76 4.49 -4.69
N ARG A 53 -10.61 4.72 -3.69
CA ARG A 53 -11.21 6.05 -3.51
C ARG A 53 -10.20 7.18 -3.36
N THR A 54 -9.01 6.91 -2.80
CA THR A 54 -8.00 7.92 -2.59
C THR A 54 -6.93 7.95 -3.71
N CYS A 55 -6.83 6.94 -4.60
CA CYS A 55 -5.80 6.94 -5.65
C CYS A 55 -6.33 6.63 -7.05
N VAL A 56 -7.20 5.64 -7.21
CA VAL A 56 -7.78 5.23 -8.49
C VAL A 56 -8.58 6.41 -9.07
N GLY A 57 -7.91 7.22 -9.90
CA GLY A 57 -8.50 8.38 -10.53
C GLY A 57 -9.07 8.02 -11.88
N ARG A 1 -4.05 10.83 -8.90
CA ARG A 1 -3.41 9.86 -7.98
C ARG A 1 -2.38 10.60 -7.11
N PRO A 2 -2.47 10.56 -5.77
CA PRO A 2 -1.55 11.27 -4.89
C PRO A 2 -0.20 10.57 -4.85
N ARG A 3 0.88 11.35 -4.88
CA ARG A 3 2.26 10.85 -4.86
C ARG A 3 2.69 10.05 -3.63
N PHE A 4 1.85 9.96 -2.59
CA PHE A 4 2.19 9.17 -1.41
C PHE A 4 1.74 7.72 -1.59
N CYS A 5 0.81 7.47 -2.51
CA CYS A 5 0.25 6.17 -2.80
C CYS A 5 1.16 5.37 -3.71
N GLU A 6 2.03 6.04 -4.46
CA GLU A 6 2.95 5.41 -5.40
C GLU A 6 4.31 5.07 -4.78
N LEU A 7 4.44 5.17 -3.46
CA LEU A 7 5.68 4.88 -2.75
C LEU A 7 5.90 3.37 -2.64
N ALA A 8 7.10 2.97 -2.22
CA ALA A 8 7.47 1.58 -2.04
C ALA A 8 7.35 1.26 -0.55
N PRO A 9 6.47 0.35 -0.11
CA PRO A 9 6.33 0.00 1.28
C PRO A 9 7.51 -0.88 1.70
N SER A 10 8.45 -0.29 2.42
CA SER A 10 9.67 -0.93 2.93
C SER A 10 9.32 -1.95 4.03
N ALA A 11 8.71 -3.07 3.63
CA ALA A 11 8.30 -4.17 4.47
C ALA A 11 9.51 -4.93 5.06
N GLY A 12 10.73 -4.52 4.72
CA GLY A 12 11.96 -5.15 5.19
C GLY A 12 12.46 -4.56 6.51
N SER A 13 11.87 -3.44 6.94
CA SER A 13 12.21 -2.71 8.16
C SER A 13 12.35 -3.64 9.39
N CYS A 14 11.36 -4.49 9.65
CA CYS A 14 11.36 -5.44 10.77
C CYS A 14 10.66 -6.70 10.29
N PHE A 15 10.90 -7.81 10.97
CA PHE A 15 10.26 -9.05 10.60
C PHE A 15 8.96 -9.06 11.38
N ALA A 16 7.88 -8.81 10.66
CA ALA A 16 6.51 -8.81 11.12
C ALA A 16 5.67 -9.24 9.91
N PHE A 17 4.52 -9.86 10.15
CA PHE A 17 3.65 -10.33 9.07
C PHE A 17 2.21 -9.91 9.32
N VAL A 18 1.77 -8.86 8.64
CA VAL A 18 0.42 -8.34 8.71
C VAL A 18 0.01 -8.01 7.27
N PRO A 19 -0.99 -8.68 6.67
CA PRO A 19 -1.38 -8.36 5.31
C PRO A 19 -1.97 -6.96 5.26
N SER A 20 -1.46 -6.11 4.37
CA SER A 20 -1.90 -4.74 4.15
C SER A 20 -2.30 -4.59 2.66
N TYR A 21 -2.63 -3.39 2.19
CA TYR A 21 -3.03 -3.13 0.79
C TYR A 21 -2.00 -2.23 0.10
N TYR A 22 -1.66 -2.58 -1.16
CA TYR A 22 -0.71 -1.95 -2.07
C TYR A 22 -1.41 -1.35 -3.30
N TYR A 23 -1.04 -0.15 -3.68
CA TYR A 23 -1.61 0.54 -4.84
C TYR A 23 -0.85 0.20 -6.12
N ASN A 24 -1.54 -0.23 -7.18
CA ASN A 24 -0.93 -0.60 -8.46
C ASN A 24 -1.40 0.37 -9.55
N GLN A 25 -0.71 1.50 -9.70
CA GLN A 25 -1.02 2.49 -10.73
C GLN A 25 -0.95 1.85 -12.13
N TYR A 26 -0.03 0.91 -12.37
CA TYR A 26 0.11 0.22 -13.66
C TYR A 26 -1.14 -0.58 -14.01
N SER A 27 -1.94 -0.93 -13.01
CA SER A 27 -3.18 -1.70 -13.18
C SER A 27 -4.40 -0.85 -12.78
N ASN A 28 -4.22 0.44 -12.46
CA ASN A 28 -5.23 1.40 -12.03
C ASN A 28 -6.22 0.76 -11.06
N THR A 29 -5.69 0.01 -10.10
CA THR A 29 -6.43 -0.66 -9.08
C THR A 29 -5.48 -0.86 -7.89
N CYS A 30 -5.87 -1.67 -6.91
CA CYS A 30 -5.08 -1.92 -5.75
C CYS A 30 -5.19 -3.40 -5.41
N HIS A 31 -4.21 -3.95 -4.70
CA HIS A 31 -4.21 -5.36 -4.34
C HIS A 31 -3.60 -5.56 -2.96
N SER A 32 -4.06 -6.57 -2.23
CA SER A 32 -3.52 -6.84 -0.91
C SER A 32 -2.10 -7.38 -1.05
N PHE A 33 -1.23 -7.05 -0.11
CA PHE A 33 0.17 -7.49 -0.07
C PHE A 33 0.59 -7.72 1.39
N THR A 34 1.82 -8.12 1.63
CA THR A 34 2.35 -8.39 2.98
C THR A 34 3.04 -7.16 3.53
N TYR A 35 2.73 -6.74 4.77
CA TYR A 35 3.35 -5.57 5.41
C TYR A 35 3.94 -5.95 6.77
N SER A 36 4.72 -5.05 7.40
CA SER A 36 5.36 -5.27 8.70
C SER A 36 4.63 -4.57 9.85
N GLY A 37 4.61 -3.23 9.88
CA GLY A 37 3.97 -2.44 10.93
C GLY A 37 4.89 -1.33 11.42
N CYS A 38 6.12 -1.67 11.81
CA CYS A 38 7.12 -0.74 12.34
C CYS A 38 7.70 0.23 11.31
N GLY A 39 7.72 -0.17 10.03
CA GLY A 39 8.27 0.60 8.95
C GLY A 39 7.37 0.62 7.74
N GLY A 40 7.96 0.87 6.59
CA GLY A 40 7.28 0.99 5.33
C GLY A 40 7.09 2.47 5.01
N ASN A 41 6.39 2.75 3.91
CA ASN A 41 6.11 4.11 3.46
C ASN A 41 4.60 4.29 3.35
N ALA A 42 4.15 5.51 3.01
CA ALA A 42 2.76 5.90 2.88
C ALA A 42 1.90 5.06 1.93
N ASN A 43 2.49 4.20 1.08
CA ASN A 43 1.70 3.32 0.21
C ASN A 43 0.86 2.35 1.08
N ARG A 44 1.10 2.28 2.39
CA ARG A 44 0.38 1.38 3.27
C ARG A 44 -1.07 1.82 3.46
N PHE A 45 -2.01 0.93 3.10
CA PHE A 45 -3.45 1.14 3.23
C PHE A 45 -4.07 -0.09 3.90
N ARG A 46 -5.36 0.00 4.19
CA ARG A 46 -6.12 -1.05 4.88
C ARG A 46 -7.22 -1.69 4.03
N THR A 47 -7.60 -1.08 2.91
CA THR A 47 -8.59 -1.64 2.02
C THR A 47 -8.46 -1.02 0.64
N ILE A 48 -8.88 -1.78 -0.37
CA ILE A 48 -8.89 -1.35 -1.75
C ILE A 48 -9.95 -0.25 -1.89
N ASP A 49 -10.98 -0.21 -1.04
CA ASP A 49 -12.03 0.80 -1.10
C ASP A 49 -11.48 2.21 -0.88
N GLU A 50 -10.54 2.34 0.07
CA GLU A 50 -9.91 3.60 0.40
C GLU A 50 -8.84 3.88 -0.63
N CYS A 51 -8.08 2.86 -1.01
CA CYS A 51 -7.04 3.01 -2.00
C CYS A 51 -7.58 3.48 -3.35
N ASN A 52 -8.65 2.86 -3.83
CA ASN A 52 -9.21 3.20 -5.12
C ASN A 52 -9.80 4.58 -5.05
N ARG A 53 -10.63 4.85 -4.04
CA ARG A 53 -11.24 6.18 -3.91
C ARG A 53 -10.19 7.29 -3.79
N THR A 54 -9.02 7.01 -3.22
CA THR A 54 -7.98 8.01 -3.06
C THR A 54 -6.87 8.01 -4.12
N CYS A 55 -6.70 6.99 -4.98
CA CYS A 55 -5.63 6.96 -5.97
C CYS A 55 -6.01 6.38 -7.33
N VAL A 56 -7.12 5.65 -7.45
CA VAL A 56 -7.54 5.09 -8.74
C VAL A 56 -8.29 6.21 -9.46
N GLY A 57 -7.54 6.97 -10.25
CA GLY A 57 -8.02 8.10 -11.04
C GLY A 57 -7.48 9.37 -10.41
N ARG A 1 -3.87 10.12 -8.79
CA ARG A 1 -3.27 9.41 -7.65
C ARG A 1 -2.31 10.32 -6.88
N PRO A 2 -2.49 10.46 -5.55
CA PRO A 2 -1.63 11.26 -4.71
C PRO A 2 -0.27 10.56 -4.70
N ARG A 3 0.81 11.34 -4.69
CA ARG A 3 2.17 10.84 -4.73
C ARG A 3 2.59 9.96 -3.53
N PHE A 4 1.75 9.83 -2.51
CA PHE A 4 2.06 8.98 -1.36
C PHE A 4 1.64 7.54 -1.65
N CYS A 5 0.69 7.35 -2.56
CA CYS A 5 0.15 6.07 -2.97
C CYS A 5 1.13 5.29 -3.84
N GLU A 6 2.02 6.00 -4.52
CA GLU A 6 2.98 5.41 -5.46
C GLU A 6 4.32 5.02 -4.83
N LEU A 7 4.43 5.05 -3.51
CA LEU A 7 5.67 4.71 -2.83
C LEU A 7 5.85 3.20 -2.84
N ALA A 8 7.05 2.75 -2.48
CA ALA A 8 7.40 1.34 -2.38
C ALA A 8 7.31 1.04 -0.89
N PRO A 9 6.54 0.05 -0.44
CA PRO A 9 6.41 -0.26 0.96
C PRO A 9 7.70 -0.89 1.53
N SER A 10 8.43 -0.17 2.38
CA SER A 10 9.66 -0.62 3.02
C SER A 10 9.34 -1.63 4.15
N ALA A 11 8.50 -2.64 3.88
CA ALA A 11 8.07 -3.68 4.82
C ALA A 11 9.23 -4.52 5.37
N GLY A 12 10.42 -4.45 4.80
CA GLY A 12 11.60 -5.22 5.21
C GLY A 12 12.20 -4.74 6.53
N SER A 13 11.64 -3.67 7.10
CA SER A 13 12.06 -3.04 8.34
C SER A 13 12.13 -4.00 9.55
N CYS A 14 11.13 -4.83 9.79
CA CYS A 14 11.12 -5.77 10.92
C CYS A 14 10.33 -7.02 10.57
N PHE A 15 10.55 -8.11 11.31
CA PHE A 15 9.80 -9.33 11.06
C PHE A 15 8.60 -9.23 12.00
N ALA A 16 7.47 -8.94 11.36
CA ALA A 16 6.12 -8.78 11.83
C ALA A 16 5.28 -9.19 10.62
N PHE A 17 4.04 -9.62 10.81
CA PHE A 17 3.21 -10.04 9.69
C PHE A 17 1.83 -9.40 9.78
N VAL A 18 1.59 -8.40 8.95
CA VAL A 18 0.32 -7.70 8.89
C VAL A 18 0.00 -7.52 7.40
N PRO A 19 -0.73 -8.46 6.77
CA PRO A 19 -1.07 -8.37 5.35
C PRO A 19 -1.86 -7.10 5.12
N SER A 20 -1.29 -6.16 4.38
CA SER A 20 -1.88 -4.87 4.08
C SER A 20 -2.10 -4.70 2.55
N TYR A 21 -2.62 -3.57 2.08
CA TYR A 21 -2.96 -3.34 0.66
C TYR A 21 -2.04 -2.34 -0.05
N TYR A 22 -1.63 -2.66 -1.29
CA TYR A 22 -0.74 -1.94 -2.20
C TYR A 22 -1.46 -1.30 -3.38
N TYR A 23 -1.10 -0.07 -3.76
CA TYR A 23 -1.72 0.63 -4.89
C TYR A 23 -0.92 0.43 -6.19
N ASN A 24 -1.55 -0.05 -7.28
CA ASN A 24 -0.88 -0.27 -8.56
C ASN A 24 -1.46 0.63 -9.65
N GLN A 25 -0.93 1.85 -9.77
CA GLN A 25 -1.33 2.84 -10.77
C GLN A 25 -1.27 2.26 -12.17
N TYR A 26 -0.30 1.39 -12.45
CA TYR A 26 -0.12 0.73 -13.74
C TYR A 26 -1.41 0.08 -14.25
N SER A 27 -2.22 -0.46 -13.33
CA SER A 27 -3.47 -1.13 -13.65
C SER A 27 -4.69 -0.40 -13.06
N ASN A 28 -4.53 0.82 -12.54
CA ASN A 28 -5.59 1.63 -11.96
C ASN A 28 -6.44 0.82 -10.96
N THR A 29 -5.78 0.03 -10.11
CA THR A 29 -6.42 -0.79 -9.09
C THR A 29 -5.44 -0.95 -7.93
N CYS A 30 -5.79 -1.77 -6.94
CA CYS A 30 -4.98 -2.03 -5.79
C CYS A 30 -5.05 -3.52 -5.46
N HIS A 31 -4.01 -4.07 -4.83
CA HIS A 31 -3.96 -5.48 -4.49
C HIS A 31 -3.30 -5.71 -3.13
N SER A 32 -3.63 -6.81 -2.47
CA SER A 32 -3.05 -7.12 -1.17
C SER A 32 -1.56 -7.47 -1.29
N PHE A 33 -0.76 -7.08 -0.31
CA PHE A 33 0.67 -7.33 -0.20
C PHE A 33 1.01 -7.57 1.29
N THR A 34 2.27 -7.79 1.63
CA THR A 34 2.72 -8.06 3.01
C THR A 34 3.38 -6.84 3.68
N TYR A 35 2.95 -6.46 4.91
CA TYR A 35 3.52 -5.33 5.65
C TYR A 35 4.05 -5.80 7.01
N SER A 36 4.77 -4.92 7.71
CA SER A 36 5.35 -5.19 9.03
C SER A 36 4.95 -4.17 10.10
N GLY A 37 4.42 -3.01 9.73
CA GLY A 37 3.98 -1.99 10.68
C GLY A 37 5.09 -1.14 11.30
N CYS A 38 6.24 -1.71 11.68
CA CYS A 38 7.34 -0.93 12.29
C CYS A 38 8.01 0.03 11.31
N GLY A 39 7.86 -0.25 10.01
CA GLY A 39 8.41 0.49 8.91
C GLY A 39 7.41 0.48 7.78
N GLY A 40 7.91 0.71 6.58
CA GLY A 40 7.09 0.76 5.38
C GLY A 40 6.91 2.21 4.92
N ASN A 41 6.12 2.40 3.87
CA ASN A 41 5.83 3.73 3.32
C ASN A 41 4.32 3.90 3.18
N ALA A 42 3.91 5.15 2.95
CA ALA A 42 2.52 5.55 2.83
C ALA A 42 1.73 4.81 1.73
N ASN A 43 2.38 4.11 0.80
CA ASN A 43 1.70 3.35 -0.25
C ASN A 43 0.78 2.26 0.33
N ARG A 44 1.04 1.84 1.58
CA ARG A 44 0.26 0.81 2.25
C ARG A 44 -1.10 1.36 2.68
N PHE A 45 -2.13 0.54 2.56
CA PHE A 45 -3.52 0.79 2.93
C PHE A 45 -4.04 -0.41 3.71
N ARG A 46 -5.26 -0.30 4.24
CA ARG A 46 -5.92 -1.35 5.00
C ARG A 46 -6.98 -2.04 4.14
N THR A 47 -7.38 -1.46 3.02
CA THR A 47 -8.36 -2.05 2.12
C THR A 47 -8.25 -1.42 0.74
N ILE A 48 -8.72 -2.16 -0.26
CA ILE A 48 -8.74 -1.72 -1.65
C ILE A 48 -9.76 -0.59 -1.77
N ASP A 49 -10.81 -0.55 -0.95
CA ASP A 49 -11.80 0.51 -1.04
C ASP A 49 -11.21 1.86 -0.72
N GLU A 50 -10.36 1.94 0.30
CA GLU A 50 -9.74 3.18 0.69
C GLU A 50 -8.68 3.51 -0.33
N CYS A 51 -7.92 2.50 -0.76
CA CYS A 51 -6.86 2.69 -1.73
C CYS A 51 -7.42 3.21 -3.07
N ASN A 52 -8.51 2.63 -3.53
CA ASN A 52 -9.10 3.01 -4.80
C ASN A 52 -9.75 4.37 -4.65
N ARG A 53 -10.63 4.56 -3.66
CA ARG A 53 -11.28 5.86 -3.50
C ARG A 53 -10.31 7.02 -3.28
N THR A 54 -9.10 6.78 -2.77
CA THR A 54 -8.11 7.81 -2.54
C THR A 54 -7.06 7.94 -3.65
N CYS A 55 -6.94 7.00 -4.60
CA CYS A 55 -5.94 7.07 -5.66
C CYS A 55 -6.38 6.63 -7.05
N VAL A 56 -7.23 5.61 -7.17
CA VAL A 56 -7.72 5.11 -8.44
C VAL A 56 -8.50 6.23 -9.11
N GLY A 57 -7.95 6.71 -10.23
CA GLY A 57 -8.53 7.76 -11.04
C GLY A 57 -9.60 7.21 -11.96
N ARG A 1 -3.92 10.17 -9.03
CA ARG A 1 -3.43 9.36 -7.91
C ARG A 1 -2.39 10.15 -7.12
N PRO A 2 -2.62 10.39 -5.82
CA PRO A 2 -1.70 11.14 -4.98
C PRO A 2 -0.36 10.42 -4.88
N ARG A 3 0.72 11.18 -4.77
CA ARG A 3 2.07 10.62 -4.70
C ARG A 3 2.30 9.66 -3.53
N PHE A 4 1.51 9.73 -2.46
CA PHE A 4 1.70 8.81 -1.35
C PHE A 4 1.33 7.37 -1.74
N CYS A 5 0.45 7.21 -2.73
CA CYS A 5 0.02 5.89 -3.19
C CYS A 5 1.09 5.18 -4.04
N GLU A 6 2.11 5.89 -4.52
CA GLU A 6 3.15 5.31 -5.37
C GLU A 6 4.47 5.07 -4.64
N LEU A 7 4.47 5.02 -3.31
CA LEU A 7 5.71 4.79 -2.57
C LEU A 7 6.00 3.30 -2.56
N ALA A 8 7.22 2.93 -2.19
CA ALA A 8 7.64 1.54 -2.14
C ALA A 8 7.48 1.08 -0.70
N PRO A 9 6.79 -0.04 -0.41
CA PRO A 9 6.62 -0.48 0.96
C PRO A 9 7.94 -0.94 1.59
N SER A 10 8.43 -0.18 2.57
CA SER A 10 9.66 -0.46 3.32
C SER A 10 9.36 -1.54 4.39
N ALA A 11 8.67 -2.62 4.02
CA ALA A 11 8.28 -3.71 4.91
C ALA A 11 9.47 -4.53 5.44
N GLY A 12 10.67 -4.36 4.91
CA GLY A 12 11.84 -5.11 5.35
C GLY A 12 12.47 -4.54 6.63
N SER A 13 11.98 -3.41 7.11
CA SER A 13 12.45 -2.71 8.28
C SER A 13 12.66 -3.59 9.52
N CYS A 14 11.62 -4.29 9.98
CA CYS A 14 11.69 -5.16 11.16
C CYS A 14 10.80 -6.38 10.90
N PHE A 15 10.79 -7.34 11.83
CA PHE A 15 9.99 -8.53 11.62
C PHE A 15 8.59 -8.25 12.17
N ALA A 16 7.65 -8.04 11.25
CA ALA A 16 6.26 -7.79 11.53
C ALA A 16 5.51 -8.37 10.34
N PHE A 17 4.39 -9.06 10.57
CA PHE A 17 3.62 -9.69 9.49
C PHE A 17 2.15 -9.29 9.60
N VAL A 18 1.73 -8.34 8.76
CA VAL A 18 0.37 -7.80 8.71
C VAL A 18 -0.09 -7.64 7.24
N PRO A 19 -1.06 -8.43 6.72
CA PRO A 19 -1.50 -8.30 5.34
C PRO A 19 -2.19 -6.95 5.12
N SER A 20 -1.62 -6.11 4.27
CA SER A 20 -2.13 -4.78 3.94
C SER A 20 -2.36 -4.64 2.43
N TYR A 21 -2.72 -3.44 1.93
CA TYR A 21 -3.02 -3.21 0.50
C TYR A 21 -1.99 -2.30 -0.17
N TYR A 22 -1.60 -2.69 -1.39
CA TYR A 22 -0.64 -2.08 -2.31
C TYR A 22 -1.41 -1.41 -3.44
N TYR A 23 -0.90 -0.30 -3.98
CA TYR A 23 -1.57 0.41 -5.09
C TYR A 23 -0.72 0.30 -6.35
N ASN A 24 -1.35 0.03 -7.50
CA ASN A 24 -0.68 -0.11 -8.79
C ASN A 24 -1.30 0.82 -9.84
N GLN A 25 -0.82 2.06 -9.96
CA GLN A 25 -1.30 3.04 -10.95
C GLN A 25 -1.28 2.46 -12.37
N TYR A 26 -0.27 1.64 -12.67
CA TYR A 26 -0.08 1.01 -13.97
C TYR A 26 -1.32 0.24 -14.42
N SER A 27 -2.07 -0.32 -13.46
CA SER A 27 -3.27 -1.07 -13.71
C SER A 27 -4.51 -0.36 -13.16
N ASN A 28 -4.38 0.89 -12.67
CA ASN A 28 -5.45 1.70 -12.12
C ASN A 28 -6.25 0.89 -11.10
N THR A 29 -5.56 0.13 -10.25
CA THR A 29 -6.21 -0.68 -9.23
C THR A 29 -5.25 -0.84 -8.05
N CYS A 30 -5.65 -1.67 -7.10
CA CYS A 30 -4.98 -2.01 -5.89
C CYS A 30 -4.95 -3.52 -5.76
N HIS A 31 -4.13 -4.03 -4.85
CA HIS A 31 -4.02 -5.45 -4.63
C HIS A 31 -3.46 -5.70 -3.23
N SER A 32 -3.96 -6.71 -2.52
CA SER A 32 -3.45 -7.02 -1.20
C SER A 32 -2.00 -7.52 -1.31
N PHE A 33 -1.12 -7.13 -0.38
CA PHE A 33 0.28 -7.51 -0.29
C PHE A 33 0.65 -7.77 1.17
N THR A 34 1.90 -8.10 1.48
CA THR A 34 2.37 -8.35 2.86
C THR A 34 3.11 -7.13 3.40
N TYR A 35 2.68 -6.60 4.55
CA TYR A 35 3.28 -5.43 5.19
C TYR A 35 3.85 -5.83 6.55
N SER A 36 4.59 -4.91 7.12
CA SER A 36 5.27 -5.00 8.39
C SER A 36 5.00 -3.64 9.03
N GLY A 37 4.32 -3.60 10.18
CA GLY A 37 3.97 -2.37 10.89
C GLY A 37 5.16 -1.43 11.13
N CYS A 38 6.34 -2.02 11.38
CA CYS A 38 7.59 -1.33 11.63
C CYS A 38 8.12 -0.82 10.29
N GLY A 39 8.55 0.44 10.23
CA GLY A 39 9.07 1.04 9.01
C GLY A 39 7.93 1.23 8.02
N GLY A 40 8.09 0.71 6.81
CA GLY A 40 7.08 0.83 5.77
C GLY A 40 7.00 2.26 5.23
N ASN A 41 6.19 2.49 4.19
CA ASN A 41 5.97 3.81 3.58
C ASN A 41 4.47 4.05 3.47
N ALA A 42 4.06 5.26 3.12
CA ALA A 42 2.67 5.64 2.98
C ALA A 42 1.88 4.83 1.95
N ASN A 43 2.50 4.05 1.04
CA ASN A 43 1.71 3.28 0.08
C ASN A 43 0.96 2.09 0.70
N ARG A 44 1.04 1.88 2.01
CA ARG A 44 0.32 0.80 2.65
C ARG A 44 -1.04 1.35 3.05
N PHE A 45 -2.11 0.59 2.81
CA PHE A 45 -3.48 0.95 3.16
C PHE A 45 -4.13 -0.23 3.89
N ARG A 46 -5.39 -0.09 4.30
CA ARG A 46 -6.11 -1.13 5.05
C ARG A 46 -7.18 -1.82 4.22
N THR A 47 -7.62 -1.21 3.11
CA THR A 47 -8.61 -1.83 2.27
C THR A 47 -8.57 -1.24 0.87
N ILE A 48 -9.11 -2.00 -0.07
CA ILE A 48 -9.21 -1.61 -1.45
C ILE A 48 -10.19 -0.45 -1.60
N ASP A 49 -11.23 -0.40 -0.77
CA ASP A 49 -12.23 0.66 -0.85
C ASP A 49 -11.67 2.04 -0.52
N GLU A 50 -10.64 2.08 0.34
CA GLU A 50 -10.00 3.30 0.77
C GLU A 50 -8.93 3.65 -0.25
N CYS A 51 -8.16 2.65 -0.70
CA CYS A 51 -7.10 2.90 -1.65
C CYS A 51 -7.63 3.34 -3.01
N ASN A 52 -8.74 2.74 -3.47
CA ASN A 52 -9.31 3.05 -4.75
C ASN A 52 -9.97 4.41 -4.67
N ARG A 53 -10.84 4.63 -3.68
CA ARG A 53 -11.51 5.94 -3.56
C ARG A 53 -10.55 7.13 -3.44
N THR A 54 -9.34 6.92 -2.92
CA THR A 54 -8.36 7.98 -2.76
C THR A 54 -7.30 8.04 -3.86
N CYS A 55 -7.13 7.03 -4.70
CA CYS A 55 -6.10 7.03 -5.74
C CYS A 55 -6.56 6.51 -7.09
N VAL A 56 -7.34 5.43 -7.12
CA VAL A 56 -7.82 4.87 -8.37
C VAL A 56 -8.74 5.92 -9.00
N GLY A 57 -8.32 6.40 -10.17
CA GLY A 57 -9.07 7.37 -10.95
C GLY A 57 -10.20 6.60 -11.61
N ARG A 1 -3.83 10.91 -8.44
CA ARG A 1 -3.15 9.85 -7.69
C ARG A 1 -2.02 10.50 -6.89
N PRO A 2 -2.17 10.58 -5.55
CA PRO A 2 -1.18 11.21 -4.69
C PRO A 2 0.15 10.46 -4.61
N ARG A 3 1.26 11.20 -4.58
CA ARG A 3 2.63 10.66 -4.52
C ARG A 3 2.92 9.73 -3.34
N PHE A 4 2.07 9.74 -2.30
CA PHE A 4 2.31 8.85 -1.17
C PHE A 4 1.80 7.43 -1.49
N CYS A 5 0.89 7.28 -2.47
CA CYS A 5 0.35 6.00 -2.86
C CYS A 5 1.30 5.21 -3.74
N GLU A 6 2.27 5.87 -4.37
CA GLU A 6 3.24 5.25 -5.28
C GLU A 6 4.55 4.87 -4.59
N LEU A 7 4.57 4.84 -3.26
CA LEU A 7 5.78 4.51 -2.54
C LEU A 7 5.96 3.00 -2.54
N ALA A 8 7.17 2.57 -2.23
CA ALA A 8 7.52 1.16 -2.17
C ALA A 8 7.44 0.85 -0.69
N PRO A 9 6.55 -0.05 -0.25
CA PRO A 9 6.41 -0.38 1.15
C PRO A 9 7.69 -1.09 1.60
N SER A 10 8.53 -0.39 2.37
CA SER A 10 9.78 -0.92 2.90
C SER A 10 9.50 -1.84 4.09
N ALA A 11 8.66 -2.86 3.91
CA ALA A 11 8.29 -3.83 4.94
C ALA A 11 9.54 -4.57 5.43
N GLY A 12 10.55 -4.71 4.57
CA GLY A 12 11.80 -5.38 4.88
C GLY A 12 12.54 -4.71 6.03
N SER A 13 12.24 -3.46 6.38
CA SER A 13 12.87 -2.71 7.45
C SER A 13 12.64 -3.30 8.85
N CYS A 14 11.63 -4.16 9.04
CA CYS A 14 11.25 -4.80 10.30
C CYS A 14 10.75 -6.22 10.03
N PHE A 15 10.40 -6.99 11.07
CA PHE A 15 9.87 -8.33 10.90
C PHE A 15 8.52 -8.36 11.57
N ALA A 16 7.45 -8.35 10.78
CA ALA A 16 6.08 -8.44 11.24
C ALA A 16 5.23 -9.05 10.13
N PHE A 17 4.02 -9.50 10.47
CA PHE A 17 3.10 -10.10 9.52
C PHE A 17 1.73 -9.47 9.68
N VAL A 18 1.42 -8.49 8.84
CA VAL A 18 0.17 -7.75 8.78
C VAL A 18 -0.20 -7.55 7.29
N PRO A 19 -1.00 -8.45 6.67
CA PRO A 19 -1.37 -8.32 5.27
C PRO A 19 -2.16 -7.01 5.10
N SER A 20 -1.61 -6.07 4.35
CA SER A 20 -2.17 -4.75 4.07
C SER A 20 -2.43 -4.58 2.53
N TYR A 21 -2.84 -3.43 2.00
CA TYR A 21 -3.13 -3.19 0.57
C TYR A 21 -2.12 -2.29 -0.13
N TYR A 22 -1.80 -2.65 -1.38
CA TYR A 22 -0.88 -2.01 -2.32
C TYR A 22 -1.70 -1.28 -3.40
N TYR A 23 -1.08 -0.34 -4.09
CA TYR A 23 -1.65 0.46 -5.18
C TYR A 23 -0.75 0.33 -6.41
N ASN A 24 -1.30 -0.07 -7.56
CA ASN A 24 -0.54 -0.24 -8.81
C ASN A 24 -1.11 0.72 -9.86
N GLN A 25 -0.54 1.92 -10.00
CA GLN A 25 -0.98 2.92 -10.98
C GLN A 25 -0.92 2.36 -12.41
N TYR A 26 -0.03 1.40 -12.67
CA TYR A 26 0.16 0.76 -13.97
C TYR A 26 -1.14 0.14 -14.48
N SER A 27 -1.93 -0.44 -13.59
CA SER A 27 -3.21 -1.07 -13.89
C SER A 27 -4.36 -0.25 -13.27
N ASN A 28 -4.03 0.87 -12.62
CA ASN A 28 -4.92 1.79 -11.94
C ASN A 28 -5.90 1.00 -11.09
N THR A 29 -5.35 0.22 -10.16
CA THR A 29 -6.09 -0.61 -9.23
C THR A 29 -5.21 -0.83 -7.99
N CYS A 30 -5.72 -1.62 -7.04
CA CYS A 30 -5.05 -1.96 -5.79
C CYS A 30 -5.11 -3.46 -5.60
N HIS A 31 -4.22 -4.02 -4.78
CA HIS A 31 -4.16 -5.45 -4.52
C HIS A 31 -3.57 -5.67 -3.14
N SER A 32 -4.04 -6.68 -2.42
CA SER A 32 -3.52 -6.95 -1.09
C SER A 32 -2.08 -7.48 -1.20
N PHE A 33 -1.22 -7.08 -0.28
CA PHE A 33 0.19 -7.47 -0.20
C PHE A 33 0.56 -7.68 1.27
N THR A 34 1.80 -8.02 1.54
CA THR A 34 2.32 -8.28 2.90
C THR A 34 3.10 -7.08 3.48
N TYR A 35 2.68 -6.55 4.64
CA TYR A 35 3.32 -5.43 5.33
C TYR A 35 3.82 -5.84 6.72
N SER A 36 4.50 -4.94 7.44
CA SER A 36 5.04 -5.19 8.78
C SER A 36 4.67 -4.05 9.76
N GLY A 37 5.08 -4.13 11.03
CA GLY A 37 4.81 -3.16 12.07
C GLY A 37 5.60 -1.90 11.80
N CYS A 38 6.82 -1.83 12.30
CA CYS A 38 7.64 -0.65 12.02
C CYS A 38 8.10 -0.71 10.55
N GLY A 39 8.85 0.30 10.11
CA GLY A 39 9.31 0.30 8.73
C GLY A 39 8.14 0.62 7.83
N GLY A 40 8.24 0.19 6.57
CA GLY A 40 7.20 0.40 5.58
C GLY A 40 7.05 1.85 5.16
N ASN A 41 6.23 2.10 4.12
CA ASN A 41 5.99 3.44 3.59
C ASN A 41 4.49 3.74 3.45
N ALA A 42 4.16 5.00 3.15
CA ALA A 42 2.80 5.51 3.00
C ALA A 42 1.95 4.77 1.96
N ASN A 43 2.55 3.96 1.09
CA ASN A 43 1.78 3.17 0.12
C ASN A 43 0.86 2.18 0.86
N ARG A 44 1.07 1.96 2.17
CA ARG A 44 0.28 1.02 2.95
C ARG A 44 -1.12 1.52 3.22
N PHE A 45 -2.11 0.69 2.89
CA PHE A 45 -3.53 0.92 3.08
C PHE A 45 -4.16 -0.28 3.79
N ARG A 46 -5.37 -0.10 4.32
CA ARG A 46 -6.11 -1.15 5.06
C ARG A 46 -7.17 -1.80 4.21
N THR A 47 -7.58 -1.17 3.12
CA THR A 47 -8.58 -1.73 2.25
C THR A 47 -8.44 -1.14 0.85
N ILE A 48 -8.88 -1.93 -0.14
CA ILE A 48 -8.88 -1.54 -1.54
C ILE A 48 -9.91 -0.42 -1.70
N ASP A 49 -10.93 -0.35 -0.85
CA ASP A 49 -11.97 0.66 -0.93
C ASP A 49 -11.42 2.06 -0.72
N GLU A 50 -10.42 2.20 0.17
CA GLU A 50 -9.77 3.45 0.50
C GLU A 50 -8.70 3.69 -0.55
N CYS A 51 -7.91 2.64 -0.84
CA CYS A 51 -6.84 2.73 -1.81
C CYS A 51 -7.34 3.19 -3.19
N ASN A 52 -8.42 2.58 -3.66
CA ASN A 52 -8.98 2.91 -4.96
C ASN A 52 -9.61 4.28 -4.90
N ARG A 53 -10.50 4.54 -3.94
CA ARG A 53 -11.12 5.86 -3.88
C ARG A 53 -10.14 7.03 -3.74
N THR A 54 -8.96 6.79 -3.16
CA THR A 54 -7.96 7.82 -2.92
C THR A 54 -6.84 7.89 -3.97
N CYS A 55 -6.65 6.89 -4.85
CA CYS A 55 -5.57 6.91 -5.85
C CYS A 55 -5.95 6.37 -7.23
N VAL A 56 -6.98 5.54 -7.34
CA VAL A 56 -7.44 4.99 -8.62
C VAL A 56 -8.30 6.07 -9.26
N GLY A 57 -7.68 6.87 -10.14
CA GLY A 57 -8.38 7.93 -10.84
C GLY A 57 -9.34 7.33 -11.85
N ARG A 1 -4.34 10.84 -8.19
CA ARG A 1 -3.62 9.84 -7.42
C ARG A 1 -2.52 10.52 -6.61
N PRO A 2 -2.64 10.52 -5.28
CA PRO A 2 -1.66 11.14 -4.42
C PRO A 2 -0.37 10.33 -4.47
N ARG A 3 0.77 11.01 -4.58
CA ARG A 3 2.07 10.37 -4.66
C ARG A 3 2.38 9.48 -3.45
N PHE A 4 1.73 9.64 -2.30
CA PHE A 4 2.03 8.78 -1.16
C PHE A 4 1.62 7.32 -1.49
N CYS A 5 0.67 7.14 -2.41
CA CYS A 5 0.19 5.85 -2.86
C CYS A 5 1.23 5.16 -3.77
N GLU A 6 2.16 5.89 -4.38
CA GLU A 6 3.16 5.32 -5.29
C GLU A 6 4.47 4.93 -4.61
N LEU A 7 4.55 5.02 -3.28
CA LEU A 7 5.76 4.69 -2.54
C LEU A 7 5.95 3.18 -2.51
N ALA A 8 7.14 2.76 -2.07
CA ALA A 8 7.53 1.36 -1.97
C ALA A 8 7.35 0.91 -0.52
N PRO A 9 6.31 0.14 -0.17
CA PRO A 9 6.04 -0.34 1.18
C PRO A 9 6.92 -1.55 1.56
N SER A 10 8.21 -1.28 1.77
CA SER A 10 9.21 -2.26 2.14
C SER A 10 8.97 -2.82 3.55
N ALA A 11 8.26 -3.95 3.64
CA ALA A 11 7.94 -4.58 4.91
C ALA A 11 9.16 -5.09 5.68
N GLY A 12 10.33 -5.15 5.07
CA GLY A 12 11.54 -5.65 5.72
C GLY A 12 12.24 -4.63 6.61
N SER A 13 11.82 -3.36 6.56
CA SER A 13 12.40 -2.28 7.35
C SER A 13 12.24 -2.47 8.86
N CYS A 14 11.37 -3.38 9.30
CA CYS A 14 11.08 -3.74 10.68
C CYS A 14 10.56 -5.16 10.55
N PHE A 15 10.90 -6.09 11.44
CA PHE A 15 10.39 -7.44 11.24
C PHE A 15 9.02 -7.58 11.90
N ALA A 16 7.98 -7.60 11.06
CA ALA A 16 6.60 -7.80 11.43
C ALA A 16 5.90 -8.45 10.22
N PHE A 17 4.80 -9.15 10.44
CA PHE A 17 4.05 -9.81 9.38
C PHE A 17 2.55 -9.54 9.48
N VAL A 18 2.05 -8.58 8.70
CA VAL A 18 0.64 -8.20 8.65
C VAL A 18 0.21 -7.99 7.18
N PRO A 19 -0.74 -8.76 6.62
CA PRO A 19 -1.16 -8.57 5.24
C PRO A 19 -1.83 -7.20 5.15
N SER A 20 -1.38 -6.37 4.21
CA SER A 20 -1.96 -5.06 4.00
C SER A 20 -2.23 -4.87 2.49
N TYR A 21 -2.67 -3.69 2.04
CA TYR A 21 -3.00 -3.46 0.63
C TYR A 21 -2.03 -2.51 -0.10
N TYR A 22 -1.63 -2.88 -1.34
CA TYR A 22 -0.70 -2.17 -2.23
C TYR A 22 -1.38 -1.49 -3.42
N TYR A 23 -1.12 -0.23 -3.68
CA TYR A 23 -1.70 0.49 -4.83
C TYR A 23 -0.82 0.30 -6.06
N ASN A 24 -1.39 -0.03 -7.22
CA ASN A 24 -0.66 -0.23 -8.47
C ASN A 24 -1.22 0.69 -9.55
N GLN A 25 -0.69 1.91 -9.64
CA GLN A 25 -1.11 2.89 -10.64
C GLN A 25 -1.00 2.33 -12.05
N TYR A 26 -0.01 1.44 -12.32
CA TYR A 26 0.22 0.82 -13.61
C TYR A 26 -1.07 0.21 -14.18
N SER A 27 -1.87 -0.45 -13.33
CA SER A 27 -3.12 -1.10 -13.71
C SER A 27 -4.35 -0.35 -13.19
N ASN A 28 -4.16 0.84 -12.62
CA ASN A 28 -5.22 1.70 -12.07
C ASN A 28 -6.12 0.90 -11.12
N THR A 29 -5.52 0.20 -10.16
CA THR A 29 -6.22 -0.58 -9.15
C THR A 29 -5.31 -0.77 -7.93
N CYS A 30 -5.70 -1.58 -6.96
CA CYS A 30 -4.97 -1.88 -5.76
C CYS A 30 -5.09 -3.39 -5.50
N HIS A 31 -4.12 -4.00 -4.80
CA HIS A 31 -4.10 -5.42 -4.51
C HIS A 31 -3.40 -5.71 -3.18
N SER A 32 -3.86 -6.70 -2.43
CA SER A 32 -3.25 -7.06 -1.15
C SER A 32 -1.81 -7.55 -1.34
N PHE A 33 -0.95 -7.26 -0.37
CA PHE A 33 0.46 -7.64 -0.31
C PHE A 33 0.86 -7.84 1.17
N THR A 34 2.12 -8.16 1.45
CA THR A 34 2.60 -8.37 2.83
C THR A 34 3.23 -7.10 3.38
N TYR A 35 2.79 -6.64 4.56
CA TYR A 35 3.30 -5.45 5.22
C TYR A 35 3.87 -5.79 6.61
N SER A 36 4.41 -4.79 7.30
CA SER A 36 5.01 -4.93 8.62
C SER A 36 4.34 -3.99 9.63
N GLY A 37 4.04 -2.73 9.27
CA GLY A 37 3.41 -1.77 10.16
C GLY A 37 4.52 -0.83 10.58
N CYS A 38 5.40 -1.29 11.47
CA CYS A 38 6.54 -0.51 11.92
C CYS A 38 7.53 -0.31 10.74
N GLY A 39 7.50 -1.21 9.76
CA GLY A 39 8.31 -1.19 8.56
C GLY A 39 7.40 -0.93 7.37
N GLY A 40 7.96 -0.31 6.33
CA GLY A 40 7.27 0.04 5.10
C GLY A 40 6.95 1.54 5.04
N ASN A 41 6.36 1.97 3.92
CA ASN A 41 5.99 3.37 3.64
C ASN A 41 4.50 3.61 3.48
N ALA A 42 4.14 4.86 3.16
CA ALA A 42 2.79 5.39 2.98
C ALA A 42 1.89 4.67 1.97
N ASN A 43 2.42 3.81 1.08
CA ASN A 43 1.54 3.07 0.15
C ASN A 43 0.63 2.11 0.97
N ARG A 44 0.82 2.04 2.29
CA ARG A 44 0.03 1.21 3.17
C ARG A 44 -1.37 1.77 3.33
N PHE A 45 -2.33 0.86 3.27
CA PHE A 45 -3.75 1.07 3.41
C PHE A 45 -4.34 -0.16 4.12
N ARG A 46 -5.64 -0.10 4.41
CA ARG A 46 -6.40 -1.14 5.08
C ARG A 46 -7.43 -1.79 4.16
N THR A 47 -7.79 -1.17 3.03
CA THR A 47 -8.74 -1.74 2.10
C THR A 47 -8.63 -1.09 0.73
N ILE A 48 -8.83 -1.90 -0.31
CA ILE A 48 -8.83 -1.44 -1.69
C ILE A 48 -9.92 -0.37 -1.86
N ASP A 49 -10.97 -0.37 -1.04
CA ASP A 49 -12.07 0.59 -1.15
C ASP A 49 -11.59 2.03 -0.87
N GLU A 50 -10.63 2.20 0.04
CA GLU A 50 -10.07 3.48 0.41
C GLU A 50 -8.98 3.82 -0.59
N CYS A 51 -8.17 2.82 -0.94
CA CYS A 51 -7.10 3.03 -1.88
C CYS A 51 -7.61 3.46 -3.25
N ASN A 52 -8.60 2.73 -3.78
CA ASN A 52 -9.13 3.01 -5.08
C ASN A 52 -9.85 4.36 -5.03
N ARG A 53 -10.72 4.59 -4.05
CA ARG A 53 -11.41 5.88 -4.01
C ARG A 53 -10.46 7.08 -3.89
N THR A 54 -9.27 6.91 -3.32
CA THR A 54 -8.31 8.00 -3.18
C THR A 54 -7.21 8.04 -4.25
N CYS A 55 -6.87 6.93 -4.94
CA CYS A 55 -5.82 6.89 -5.94
C CYS A 55 -6.22 6.30 -7.30
N VAL A 56 -7.31 5.55 -7.40
CA VAL A 56 -7.76 4.97 -8.67
C VAL A 56 -8.65 6.01 -9.33
N GLY A 57 -8.00 6.91 -10.05
CA GLY A 57 -8.67 7.97 -10.78
C GLY A 57 -9.35 7.38 -11.98
N ARG A 1 -3.95 10.74 -8.60
CA ARG A 1 -3.34 9.73 -7.71
C ARG A 1 -2.24 10.42 -6.89
N PRO A 2 -2.44 10.63 -5.57
CA PRO A 2 -1.47 11.30 -4.70
C PRO A 2 -0.12 10.55 -4.62
N ARG A 3 0.99 11.29 -4.48
CA ARG A 3 2.34 10.72 -4.42
C ARG A 3 2.56 9.72 -3.32
N PHE A 4 1.76 9.74 -2.26
CA PHE A 4 1.98 8.79 -1.18
C PHE A 4 1.57 7.37 -1.56
N CYS A 5 0.64 7.21 -2.51
CA CYS A 5 0.19 5.90 -2.94
C CYS A 5 1.18 5.20 -3.85
N GLU A 6 2.15 5.90 -4.43
CA GLU A 6 3.11 5.27 -5.35
C GLU A 6 4.46 4.95 -4.71
N LEU A 7 4.55 5.03 -3.38
CA LEU A 7 5.79 4.73 -2.67
C LEU A 7 6.01 3.22 -2.63
N ALA A 8 7.20 2.78 -2.23
CA ALA A 8 7.53 1.36 -2.13
C ALA A 8 7.33 0.95 -0.66
N PRO A 9 6.31 0.14 -0.33
CA PRO A 9 6.05 -0.26 1.05
C PRO A 9 7.09 -1.27 1.57
N SER A 10 8.12 -0.78 2.27
CA SER A 10 9.22 -1.53 2.88
C SER A 10 8.74 -2.48 3.99
N ALA A 11 8.04 -3.55 3.62
CA ALA A 11 7.51 -4.57 4.52
C ALA A 11 8.58 -5.40 5.24
N GLY A 12 9.85 -5.17 4.94
CA GLY A 12 10.97 -5.92 5.51
C GLY A 12 11.71 -5.26 6.65
N SER A 13 11.56 -3.95 6.82
CA SER A 13 12.21 -3.15 7.84
C SER A 13 12.01 -3.73 9.25
N CYS A 14 10.82 -3.61 9.82
CA CYS A 14 10.52 -4.15 11.14
C CYS A 14 10.00 -5.56 10.90
N PHE A 15 10.29 -6.51 11.79
CA PHE A 15 9.83 -7.86 11.56
C PHE A 15 8.44 -8.02 12.15
N ALA A 16 7.45 -8.07 11.26
CA ALA A 16 6.06 -8.26 11.60
C ALA A 16 5.35 -8.96 10.45
N PHE A 17 4.14 -9.43 10.69
CA PHE A 17 3.31 -10.11 9.70
C PHE A 17 1.91 -9.49 9.77
N VAL A 18 1.59 -8.54 8.90
CA VAL A 18 0.29 -7.86 8.84
C VAL A 18 -0.12 -7.70 7.37
N PRO A 19 -1.09 -8.45 6.83
CA PRO A 19 -1.49 -8.31 5.43
C PRO A 19 -2.15 -6.94 5.22
N SER A 20 -1.62 -6.15 4.30
CA SER A 20 -2.13 -4.82 3.97
C SER A 20 -2.37 -4.66 2.43
N TYR A 21 -2.76 -3.49 1.90
CA TYR A 21 -3.03 -3.26 0.45
C TYR A 21 -2.01 -2.38 -0.24
N TYR A 22 -1.66 -2.75 -1.48
CA TYR A 22 -0.70 -2.12 -2.38
C TYR A 22 -1.43 -1.50 -3.58
N TYR A 23 -1.24 -0.20 -3.81
CA TYR A 23 -1.84 0.50 -4.94
C TYR A 23 -0.93 0.29 -6.16
N ASN A 24 -1.50 -0.11 -7.30
CA ASN A 24 -0.76 -0.35 -8.53
C ASN A 24 -1.31 0.60 -9.59
N GLN A 25 -0.68 1.76 -9.75
CA GLN A 25 -1.10 2.76 -10.72
C GLN A 25 -1.01 2.19 -12.14
N TYR A 26 -0.02 1.33 -12.41
CA TYR A 26 0.17 0.72 -13.72
C TYR A 26 -1.03 -0.13 -14.15
N SER A 27 -1.88 -0.55 -13.21
CA SER A 27 -3.07 -1.35 -13.45
C SER A 27 -4.33 -0.60 -12.97
N ASN A 28 -4.16 0.66 -12.54
CA ASN A 28 -5.16 1.56 -12.01
C ASN A 28 -6.13 0.84 -11.07
N THR A 29 -5.55 0.11 -10.12
CA THR A 29 -6.27 -0.66 -9.13
C THR A 29 -5.39 -0.84 -7.90
N CYS A 30 -5.79 -1.75 -7.00
CA CYS A 30 -5.09 -2.07 -5.78
C CYS A 30 -5.05 -3.58 -5.67
N HIS A 31 -4.15 -4.13 -4.87
CA HIS A 31 -4.04 -5.55 -4.67
C HIS A 31 -3.47 -5.78 -3.28
N SER A 32 -3.98 -6.77 -2.56
CA SER A 32 -3.47 -7.04 -1.23
C SER A 32 -2.04 -7.58 -1.33
N PHE A 33 -1.16 -7.16 -0.42
CA PHE A 33 0.23 -7.54 -0.29
C PHE A 33 0.52 -7.81 1.20
N THR A 34 1.76 -8.13 1.56
CA THR A 34 2.18 -8.42 2.93
C THR A 34 2.96 -7.22 3.49
N TYR A 35 2.62 -6.71 4.69
CA TYR A 35 3.27 -5.56 5.33
C TYR A 35 3.82 -5.89 6.74
N SER A 36 4.47 -4.92 7.39
CA SER A 36 5.02 -5.01 8.73
C SER A 36 4.71 -3.70 9.47
N GLY A 37 4.69 -3.69 10.80
CA GLY A 37 4.36 -2.53 11.63
C GLY A 37 5.09 -1.24 11.27
N CYS A 38 6.43 -1.22 11.23
CA CYS A 38 7.20 -0.01 10.92
C CYS A 38 8.21 -0.18 9.77
N GLY A 39 8.69 0.98 9.29
CA GLY A 39 9.66 1.15 8.22
C GLY A 39 8.96 1.36 6.89
N GLY A 40 7.97 0.52 6.58
CA GLY A 40 7.18 0.59 5.36
C GLY A 40 6.66 2.01 5.06
N ASN A 41 6.52 2.30 3.77
CA ASN A 41 6.06 3.59 3.28
C ASN A 41 4.55 3.66 3.12
N ALA A 42 4.06 4.89 2.90
CA ALA A 42 2.66 5.23 2.78
C ALA A 42 1.82 4.50 1.72
N ASN A 43 2.41 3.72 0.80
CA ASN A 43 1.59 2.99 -0.19
C ASN A 43 0.69 1.96 0.53
N ARG A 44 0.97 1.63 1.79
CA ARG A 44 0.16 0.66 2.51
C ARG A 44 -1.21 1.25 2.85
N PHE A 45 -2.23 0.42 2.62
CA PHE A 45 -3.64 0.65 2.88
C PHE A 45 -4.21 -0.52 3.66
N ARG A 46 -5.46 -0.40 4.11
CA ARG A 46 -6.17 -1.40 4.90
C ARG A 46 -7.33 -2.03 4.13
N THR A 47 -7.72 -1.47 2.99
CA THR A 47 -8.78 -2.00 2.15
C THR A 47 -8.62 -1.39 0.76
N ILE A 48 -9.00 -2.14 -0.27
CA ILE A 48 -8.96 -1.65 -1.64
C ILE A 48 -10.01 -0.56 -1.81
N ASP A 49 -11.06 -0.56 -0.98
CA ASP A 49 -12.16 0.40 -1.06
C ASP A 49 -11.65 1.83 -0.81
N GLU A 50 -10.63 1.98 0.04
CA GLU A 50 -10.03 3.26 0.36
C GLU A 50 -8.98 3.55 -0.68
N CYS A 51 -8.14 2.56 -0.93
CA CYS A 51 -7.04 2.64 -1.88
C CYS A 51 -7.55 3.14 -3.25
N ASN A 52 -8.63 2.53 -3.74
CA ASN A 52 -9.20 2.87 -5.02
C ASN A 52 -9.86 4.24 -4.92
N ARG A 53 -10.76 4.46 -3.97
CA ARG A 53 -11.42 5.76 -3.88
C ARG A 53 -10.47 6.96 -3.68
N THR A 54 -9.28 6.73 -3.13
CA THR A 54 -8.31 7.77 -2.87
C THR A 54 -7.20 7.93 -3.93
N CYS A 55 -6.82 6.86 -4.66
CA CYS A 55 -5.75 6.89 -5.66
C CYS A 55 -6.10 6.34 -7.04
N VAL A 56 -7.19 5.61 -7.22
CA VAL A 56 -7.58 5.07 -8.52
C VAL A 56 -8.41 6.17 -9.19
N GLY A 57 -7.76 6.95 -10.05
CA GLY A 57 -8.38 8.04 -10.78
C GLY A 57 -9.16 7.41 -11.92
N ARG A 1 -3.75 11.07 -8.36
CA ARG A 1 -3.21 9.95 -7.58
C ARG A 1 -2.08 10.53 -6.71
N PRO A 2 -2.24 10.55 -5.38
CA PRO A 2 -1.26 11.13 -4.47
C PRO A 2 0.07 10.37 -4.39
N ARG A 3 1.15 11.09 -4.13
CA ARG A 3 2.50 10.53 -4.01
C ARG A 3 2.64 9.44 -2.96
N PHE A 4 1.84 9.48 -1.89
CA PHE A 4 1.96 8.48 -0.85
C PHE A 4 1.57 7.09 -1.37
N CYS A 5 0.73 7.05 -2.40
CA CYS A 5 0.26 5.83 -3.01
C CYS A 5 1.29 5.21 -3.95
N GLU A 6 2.32 5.92 -4.37
CA GLU A 6 3.30 5.37 -5.31
C GLU A 6 4.62 4.96 -4.67
N LEU A 7 4.69 4.94 -3.33
CA LEU A 7 5.90 4.58 -2.61
C LEU A 7 6.12 3.07 -2.62
N ALA A 8 7.33 2.66 -2.24
CA ALA A 8 7.72 1.27 -2.16
C ALA A 8 7.61 0.87 -0.69
N PRO A 9 6.65 0.05 -0.28
CA PRO A 9 6.49 -0.35 1.10
C PRO A 9 7.63 -1.29 1.53
N SER A 10 8.65 -0.75 2.20
CA SER A 10 9.81 -1.50 2.69
C SER A 10 9.36 -2.42 3.85
N ALA A 11 8.67 -3.51 3.52
CA ALA A 11 8.16 -4.51 4.45
C ALA A 11 9.28 -5.28 5.17
N GLY A 12 10.55 -5.00 4.84
CA GLY A 12 11.72 -5.62 5.44
C GLY A 12 12.33 -4.73 6.51
N SER A 13 11.88 -3.46 6.61
CA SER A 13 12.37 -2.47 7.57
C SER A 13 11.99 -2.80 9.03
N CYS A 14 11.21 -3.86 9.26
CA CYS A 14 10.74 -4.36 10.54
C CYS A 14 10.37 -5.83 10.30
N PHE A 15 10.02 -6.59 11.34
CA PHE A 15 9.61 -7.96 11.15
C PHE A 15 8.33 -8.14 11.94
N ALA A 16 7.22 -8.19 11.22
CA ALA A 16 5.88 -8.42 11.71
C ALA A 16 5.08 -9.05 10.56
N PHE A 17 3.89 -9.59 10.82
CA PHE A 17 3.05 -10.18 9.77
C PHE A 17 1.66 -9.54 9.81
N VAL A 18 1.43 -8.53 8.97
CA VAL A 18 0.17 -7.81 8.85
C VAL A 18 -0.15 -7.60 7.36
N PRO A 19 -0.92 -8.48 6.71
CA PRO A 19 -1.26 -8.35 5.30
C PRO A 19 -2.07 -7.06 5.12
N SER A 20 -1.52 -6.12 4.36
CA SER A 20 -2.09 -4.80 4.05
C SER A 20 -2.35 -4.65 2.53
N TYR A 21 -2.76 -3.47 2.02
CA TYR A 21 -3.05 -3.27 0.58
C TYR A 21 -2.02 -2.37 -0.09
N TYR A 22 -1.66 -2.72 -1.33
CA TYR A 22 -0.70 -2.07 -2.22
C TYR A 22 -1.46 -1.49 -3.42
N TYR A 23 -1.01 -0.36 -3.96
CA TYR A 23 -1.65 0.30 -5.11
C TYR A 23 -0.77 0.21 -6.34
N ASN A 24 -1.33 -0.20 -7.48
CA ASN A 24 -0.65 -0.35 -8.76
C ASN A 24 -1.18 0.69 -9.73
N GLN A 25 -0.54 1.87 -9.77
CA GLN A 25 -0.88 2.98 -10.64
C GLN A 25 -0.82 2.54 -12.10
N TYR A 26 0.09 1.64 -12.45
CA TYR A 26 0.24 1.13 -13.80
C TYR A 26 -0.98 0.34 -14.26
N SER A 27 -1.80 -0.14 -13.32
CA SER A 27 -3.02 -0.90 -13.63
C SER A 27 -4.26 -0.19 -13.08
N ASN A 28 -4.10 1.02 -12.53
CA ASN A 28 -5.14 1.86 -11.95
C ASN A 28 -6.03 1.01 -11.02
N THR A 29 -5.39 0.23 -10.14
CA THR A 29 -6.08 -0.64 -9.20
C THR A 29 -5.17 -0.90 -7.99
N CYS A 30 -5.60 -1.75 -7.08
CA CYS A 30 -4.87 -2.13 -5.88
C CYS A 30 -4.97 -3.64 -5.71
N HIS A 31 -4.15 -4.20 -4.82
CA HIS A 31 -4.11 -5.62 -4.53
C HIS A 31 -3.53 -5.82 -3.13
N SER A 32 -3.96 -6.86 -2.42
CA SER A 32 -3.45 -7.13 -1.09
C SER A 32 -2.00 -7.63 -1.16
N PHE A 33 -1.11 -7.15 -0.27
CA PHE A 33 0.31 -7.50 -0.17
C PHE A 33 0.66 -7.77 1.31
N THR A 34 1.90 -8.09 1.64
CA THR A 34 2.36 -8.36 3.01
C THR A 34 3.15 -7.18 3.59
N TYR A 35 2.75 -6.64 4.76
CA TYR A 35 3.41 -5.52 5.43
C TYR A 35 3.85 -5.94 6.84
N SER A 36 4.61 -5.10 7.53
CA SER A 36 5.08 -5.36 8.89
C SER A 36 4.73 -4.23 9.87
N GLY A 37 3.86 -3.29 9.48
CA GLY A 37 3.42 -2.17 10.32
C GLY A 37 4.54 -1.16 10.49
N CYS A 38 5.47 -1.46 11.38
CA CYS A 38 6.64 -0.65 11.67
C CYS A 38 7.49 -0.62 10.39
N GLY A 39 8.29 0.42 10.19
CA GLY A 39 9.10 0.49 8.98
C GLY A 39 8.19 0.73 7.77
N GLY A 40 8.74 0.52 6.57
CA GLY A 40 8.01 0.66 5.33
C GLY A 40 7.71 2.11 4.92
N ASN A 41 6.80 2.25 3.95
CA ASN A 41 6.38 3.54 3.42
C ASN A 41 4.86 3.60 3.36
N ALA A 42 4.34 4.81 3.17
CA ALA A 42 2.92 5.11 3.10
C ALA A 42 2.10 4.33 2.06
N ASN A 43 2.71 3.55 1.13
CA ASN A 43 1.95 2.77 0.15
C ASN A 43 1.11 1.67 0.84
N ARG A 44 1.24 1.49 2.16
CA ARG A 44 0.44 0.51 2.88
C ARG A 44 -0.91 1.16 3.17
N PHE A 45 -2.00 0.43 2.89
CA PHE A 45 -3.38 0.86 3.12
C PHE A 45 -4.09 -0.23 3.93
N ARG A 46 -5.33 0.01 4.36
CA ARG A 46 -6.11 -0.94 5.16
C ARG A 46 -7.16 -1.66 4.35
N THR A 47 -7.56 -1.12 3.20
CA THR A 47 -8.54 -1.76 2.35
C THR A 47 -8.43 -1.18 0.96
N ILE A 48 -8.92 -1.95 -0.02
CA ILE A 48 -8.95 -1.56 -1.40
C ILE A 48 -9.96 -0.43 -1.59
N ASP A 49 -11.01 -0.40 -0.79
CA ASP A 49 -12.06 0.62 -0.88
C ASP A 49 -11.49 2.00 -0.60
N GLU A 50 -10.49 2.12 0.29
CA GLU A 50 -9.86 3.38 0.65
C GLU A 50 -8.79 3.69 -0.39
N CYS A 51 -7.97 2.70 -0.73
CA CYS A 51 -6.88 2.89 -1.67
C CYS A 51 -7.37 3.30 -3.06
N ASN A 52 -8.46 2.71 -3.53
CA ASN A 52 -8.99 3.02 -4.83
C ASN A 52 -9.66 4.37 -4.76
N ARG A 53 -10.57 4.62 -3.81
CA ARG A 53 -11.24 5.92 -3.72
C ARG A 53 -10.25 7.08 -3.59
N THR A 54 -9.05 6.87 -3.02
CA THR A 54 -8.06 7.91 -2.84
C THR A 54 -6.96 7.98 -3.91
N CYS A 55 -6.76 6.98 -4.78
CA CYS A 55 -5.69 7.00 -5.81
C CYS A 55 -6.10 6.42 -7.16
N VAL A 56 -7.12 5.58 -7.23
CA VAL A 56 -7.61 5.00 -8.49
C VAL A 56 -8.50 6.08 -9.10
N GLY A 57 -7.85 7.04 -9.76
CA GLY A 57 -8.48 8.15 -10.42
C GLY A 57 -8.94 7.72 -11.80
N ARG A 1 -3.77 10.35 -8.89
CA ARG A 1 -3.29 9.46 -7.84
C ARG A 1 -2.23 10.20 -7.01
N PRO A 2 -2.45 10.37 -5.70
CA PRO A 2 -1.52 11.08 -4.82
C PRO A 2 -0.17 10.38 -4.72
N ARG A 3 0.89 11.15 -4.50
CA ARG A 3 2.26 10.64 -4.39
C ARG A 3 2.47 9.68 -3.24
N PHE A 4 1.64 9.74 -2.18
CA PHE A 4 1.87 8.86 -1.05
C PHE A 4 1.49 7.41 -1.35
N CYS A 5 0.60 7.13 -2.30
CA CYS A 5 0.22 5.76 -2.57
C CYS A 5 1.12 5.05 -3.56
N GLU A 6 2.06 5.77 -4.20
CA GLU A 6 2.99 5.21 -5.17
C GLU A 6 4.40 5.05 -4.58
N LEU A 7 4.52 5.04 -3.25
CA LEU A 7 5.80 4.93 -2.55
C LEU A 7 6.18 3.45 -2.42
N ALA A 8 7.32 3.14 -1.80
CA ALA A 8 7.75 1.76 -1.61
C ALA A 8 7.43 1.30 -0.18
N PRO A 9 6.43 0.43 0.05
CA PRO A 9 6.09 -0.03 1.39
C PRO A 9 7.06 -1.12 1.90
N SER A 10 8.34 -0.80 2.14
CA SER A 10 9.39 -1.71 2.63
C SER A 10 8.93 -2.43 3.89
N ALA A 11 8.50 -3.67 3.75
CA ALA A 11 8.05 -4.49 4.85
C ALA A 11 9.22 -5.23 5.51
N GLY A 12 10.44 -5.09 4.99
CA GLY A 12 11.63 -5.76 5.52
C GLY A 12 12.38 -4.95 6.57
N SER A 13 11.95 -3.72 6.80
CA SER A 13 12.58 -2.84 7.77
C SER A 13 12.35 -3.33 9.20
N CYS A 14 11.15 -3.77 9.52
CA CYS A 14 10.74 -4.27 10.84
C CYS A 14 10.15 -5.66 10.67
N PHE A 15 10.04 -6.44 11.76
CA PHE A 15 9.46 -7.77 11.62
C PHE A 15 8.08 -7.78 12.26
N ALA A 16 7.09 -7.78 11.37
CA ALA A 16 5.67 -7.83 11.62
C ALA A 16 5.09 -8.57 10.41
N PHE A 17 3.94 -9.21 10.59
CA PHE A 17 3.28 -9.95 9.53
C PHE A 17 1.81 -9.57 9.52
N VAL A 18 1.42 -8.63 8.66
CA VAL A 18 0.06 -8.17 8.50
C VAL A 18 -0.22 -7.97 7.01
N PRO A 19 -1.18 -8.66 6.39
CA PRO A 19 -1.45 -8.44 5.00
C PRO A 19 -1.97 -7.02 4.85
N SER A 20 -1.43 -6.26 3.90
CA SER A 20 -1.82 -4.90 3.60
C SER A 20 -2.25 -4.81 2.13
N TYR A 21 -2.53 -3.60 1.65
CA TYR A 21 -2.94 -3.38 0.26
C TYR A 21 -1.88 -2.55 -0.44
N TYR A 22 -1.55 -2.98 -1.66
CA TYR A 22 -0.57 -2.37 -2.53
C TYR A 22 -1.29 -1.67 -3.67
N TYR A 23 -0.99 -0.39 -3.87
CA TYR A 23 -1.61 0.39 -4.94
C TYR A 23 -0.80 0.29 -6.24
N ASN A 24 -1.45 -0.03 -7.37
CA ASN A 24 -0.82 -0.18 -8.69
C ASN A 24 -1.47 0.76 -9.68
N GLN A 25 -0.96 1.99 -9.75
CA GLN A 25 -1.41 3.04 -10.66
C GLN A 25 -1.28 2.56 -12.11
N TYR A 26 -0.29 1.72 -12.40
CA TYR A 26 -0.05 1.17 -13.72
C TYR A 26 -1.29 0.43 -14.25
N SER A 27 -2.08 -0.17 -13.36
CA SER A 27 -3.28 -0.90 -13.74
C SER A 27 -4.55 -0.25 -13.17
N ASN A 28 -4.43 0.94 -12.59
CA ASN A 28 -5.54 1.70 -12.01
C ASN A 28 -6.34 0.80 -11.04
N THR A 29 -5.65 0.09 -10.16
CA THR A 29 -6.28 -0.79 -9.18
C THR A 29 -5.37 -0.89 -7.94
N CYS A 30 -5.78 -1.72 -6.99
CA CYS A 30 -5.10 -2.01 -5.74
C CYS A 30 -5.20 -3.52 -5.58
N HIS A 31 -4.23 -4.13 -4.91
CA HIS A 31 -4.19 -5.57 -4.71
C HIS A 31 -3.60 -5.87 -3.35
N SER A 32 -4.09 -6.90 -2.66
CA SER A 32 -3.56 -7.25 -1.35
C SER A 32 -2.13 -7.78 -1.47
N PHE A 33 -1.24 -7.40 -0.55
CA PHE A 33 0.15 -7.83 -0.46
C PHE A 33 0.50 -8.04 1.02
N THR A 34 1.73 -8.42 1.36
CA THR A 34 2.16 -8.66 2.74
C THR A 34 2.94 -7.44 3.27
N TYR A 35 2.59 -6.91 4.44
CA TYR A 35 3.28 -5.76 5.03
C TYR A 35 3.73 -6.05 6.46
N SER A 36 4.53 -5.15 7.02
CA SER A 36 5.08 -5.20 8.37
C SER A 36 4.43 -4.06 9.17
N GLY A 37 5.21 -3.19 9.82
CA GLY A 37 4.68 -2.09 10.61
C GLY A 37 5.45 -0.81 10.34
N CYS A 38 6.69 -0.73 10.81
CA CYS A 38 7.54 0.43 10.62
C CYS A 38 8.42 0.30 9.37
N GLY A 39 9.11 1.39 9.01
CA GLY A 39 9.98 1.45 7.85
C GLY A 39 9.23 1.78 6.58
N GLY A 40 8.44 0.83 6.10
CA GLY A 40 7.64 0.94 4.89
C GLY A 40 6.88 2.24 4.78
N ASN A 41 6.95 2.87 3.61
CA ASN A 41 6.31 4.15 3.30
C ASN A 41 4.78 4.08 3.29
N ALA A 42 4.17 5.26 3.12
CA ALA A 42 2.73 5.52 3.09
C ALA A 42 1.91 4.75 2.04
N ASN A 43 2.56 3.96 1.16
CA ASN A 43 1.86 3.14 0.16
C ASN A 43 0.97 2.12 0.90
N ARG A 44 1.10 2.00 2.23
CA ARG A 44 0.29 1.09 3.02
C ARG A 44 -1.16 1.55 3.10
N PHE A 45 -2.06 0.59 2.94
CA PHE A 45 -3.51 0.73 3.01
C PHE A 45 -4.06 -0.43 3.82
N ARG A 46 -5.34 -0.29 4.23
CA ARG A 46 -6.06 -1.28 5.02
C ARG A 46 -7.16 -1.97 4.22
N THR A 47 -7.58 -1.39 3.09
CA THR A 47 -8.58 -1.98 2.24
C THR A 47 -8.48 -1.38 0.85
N ILE A 48 -8.95 -2.14 -0.14
CA ILE A 48 -8.98 -1.71 -1.52
C ILE A 48 -9.99 -0.56 -1.65
N ASP A 49 -11.04 -0.52 -0.81
CA ASP A 49 -12.05 0.53 -0.88
C ASP A 49 -11.46 1.91 -0.62
N GLU A 50 -10.49 2.00 0.30
CA GLU A 50 -9.85 3.25 0.66
C GLU A 50 -8.75 3.55 -0.35
N CYS A 51 -8.03 2.52 -0.78
CA CYS A 51 -6.96 2.64 -1.74
C CYS A 51 -7.49 3.12 -3.10
N ASN A 52 -8.60 2.54 -3.55
CA ASN A 52 -9.19 2.88 -4.81
C ASN A 52 -9.79 4.27 -4.72
N ARG A 53 -10.65 4.53 -3.75
CA ARG A 53 -11.25 5.87 -3.66
C ARG A 53 -10.24 7.02 -3.56
N THR A 54 -9.06 6.80 -3.00
CA THR A 54 -8.05 7.83 -2.85
C THR A 54 -7.01 7.88 -3.97
N CYS A 55 -6.90 6.86 -4.84
CA CYS A 55 -5.90 6.86 -5.92
C CYS A 55 -6.37 6.30 -7.26
N VAL A 56 -7.33 5.38 -7.30
CA VAL A 56 -7.84 4.82 -8.54
C VAL A 56 -8.64 5.89 -9.27
N GLY A 57 -8.04 6.42 -10.34
CA GLY A 57 -8.58 7.47 -11.19
C GLY A 57 -9.82 7.01 -11.93
N ARG A 1 -4.12 11.27 -8.76
CA ARG A 1 -3.70 10.28 -7.77
C ARG A 1 -2.53 10.85 -6.94
N PRO A 2 -2.62 10.85 -5.61
CA PRO A 2 -1.59 11.40 -4.72
C PRO A 2 -0.30 10.57 -4.75
N ARG A 3 0.85 11.26 -4.71
CA ARG A 3 2.15 10.59 -4.74
C ARG A 3 2.46 9.77 -3.48
N PHE A 4 1.62 9.80 -2.43
CA PHE A 4 1.89 9.00 -1.24
C PHE A 4 1.51 7.54 -1.48
N CYS A 5 0.58 7.26 -2.39
CA CYS A 5 0.19 5.87 -2.62
C CYS A 5 1.13 5.16 -3.57
N GLU A 6 2.02 5.85 -4.28
CA GLU A 6 2.95 5.23 -5.24
C GLU A 6 4.33 5.00 -4.63
N LEU A 7 4.42 4.87 -3.30
CA LEU A 7 5.69 4.68 -2.62
C LEU A 7 6.04 3.19 -2.57
N ALA A 8 7.28 2.89 -2.18
CA ALA A 8 7.76 1.53 -2.06
C ALA A 8 7.69 1.17 -0.58
N PRO A 9 6.73 0.36 -0.13
CA PRO A 9 6.62 -0.01 1.27
C PRO A 9 7.74 -0.96 1.69
N SER A 10 8.76 -0.46 2.40
CA SER A 10 9.88 -1.27 2.87
C SER A 10 9.41 -2.16 4.02
N ALA A 11 8.71 -3.24 3.69
CA ALA A 11 8.19 -4.22 4.63
C ALA A 11 9.33 -5.05 5.24
N GLY A 12 10.57 -4.83 4.81
CA GLY A 12 11.75 -5.53 5.28
C GLY A 12 12.41 -4.90 6.51
N SER A 13 11.88 -3.77 6.98
CA SER A 13 12.40 -3.04 8.13
C SER A 13 12.54 -3.94 9.36
N CYS A 14 11.50 -4.73 9.65
CA CYS A 14 11.42 -5.63 10.78
C CYS A 14 10.66 -6.89 10.36
N PHE A 15 10.83 -7.98 11.11
CA PHE A 15 10.15 -9.23 10.82
C PHE A 15 8.89 -9.25 11.69
N ALA A 16 7.75 -9.06 11.05
CA ALA A 16 6.41 -9.07 11.62
C ALA A 16 5.47 -9.56 10.51
N PHE A 17 4.20 -9.82 10.81
CA PHE A 17 3.22 -10.27 9.83
C PHE A 17 1.92 -9.48 9.92
N VAL A 18 1.72 -8.48 9.08
CA VAL A 18 0.52 -7.65 9.03
C VAL A 18 0.17 -7.46 7.55
N PRO A 19 -0.68 -8.32 6.96
CA PRO A 19 -1.02 -8.18 5.56
C PRO A 19 -1.72 -6.84 5.40
N SER A 20 -1.16 -5.98 4.56
CA SER A 20 -1.73 -4.66 4.28
C SER A 20 -2.07 -4.57 2.79
N TYR A 21 -2.51 -3.43 2.27
CA TYR A 21 -2.83 -3.26 0.85
C TYR A 21 -1.86 -2.30 0.18
N TYR A 22 -1.53 -2.63 -1.07
CA TYR A 22 -0.63 -1.95 -1.99
C TYR A 22 -1.49 -1.26 -3.06
N TYR A 23 -0.89 -0.34 -3.80
CA TYR A 23 -1.52 0.43 -4.88
C TYR A 23 -0.70 0.26 -6.17
N ASN A 24 -1.33 -0.21 -7.25
CA ASN A 24 -0.67 -0.42 -8.53
C ASN A 24 -1.26 0.57 -9.52
N GLN A 25 -0.73 1.78 -9.58
CA GLN A 25 -1.19 2.83 -10.49
C GLN A 25 -1.09 2.34 -11.94
N TYR A 26 -0.08 1.53 -12.24
CA TYR A 26 0.15 0.96 -13.57
C TYR A 26 -1.09 0.20 -14.04
N SER A 27 -1.76 -0.50 -13.12
CA SER A 27 -2.94 -1.30 -13.38
C SER A 27 -4.21 -0.59 -12.89
N ASN A 28 -4.13 0.68 -12.46
CA ASN A 28 -5.23 1.50 -11.96
C ASN A 28 -6.07 0.70 -10.97
N THR A 29 -5.42 0.09 -9.98
CA THR A 29 -6.08 -0.72 -8.96
C THR A 29 -5.19 -0.77 -7.72
N CYS A 30 -5.61 -1.55 -6.74
CA CYS A 30 -4.94 -1.80 -5.47
C CYS A 30 -5.07 -3.30 -5.22
N HIS A 31 -4.18 -3.87 -4.40
CA HIS A 31 -4.21 -5.29 -4.12
C HIS A 31 -3.54 -5.54 -2.77
N SER A 32 -3.87 -6.63 -2.09
CA SER A 32 -3.26 -6.93 -0.82
C SER A 32 -1.80 -7.36 -0.99
N PHE A 33 -0.94 -7.04 -0.02
CA PHE A 33 0.49 -7.36 0.02
C PHE A 33 0.86 -7.67 1.48
N THR A 34 2.12 -7.98 1.75
CA THR A 34 2.60 -8.30 3.10
C THR A 34 3.39 -7.12 3.64
N TYR A 35 3.03 -6.62 4.82
CA TYR A 35 3.70 -5.50 5.47
C TYR A 35 4.16 -5.93 6.87
N SER A 36 5.02 -5.14 7.52
CA SER A 36 5.54 -5.44 8.87
C SER A 36 5.08 -4.45 9.94
N GLY A 37 4.44 -3.32 9.57
CA GLY A 37 3.94 -2.30 10.48
C GLY A 37 5.05 -1.40 11.01
N CYS A 38 6.09 -2.03 11.56
CA CYS A 38 7.29 -1.48 12.16
C CYS A 38 8.11 -0.57 11.23
N GLY A 39 7.85 -0.57 9.93
CA GLY A 39 8.56 0.24 8.96
C GLY A 39 7.70 0.46 7.74
N GLY A 40 8.34 0.66 6.60
CA GLY A 40 7.67 0.88 5.34
C GLY A 40 7.31 2.34 5.08
N ASN A 41 6.55 2.55 4.00
CA ASN A 41 6.11 3.88 3.56
C ASN A 41 4.59 3.94 3.41
N ALA A 42 4.08 5.15 3.12
CA ALA A 42 2.68 5.51 2.95
C ALA A 42 1.89 4.73 1.90
N ASN A 43 2.54 3.97 1.01
CA ASN A 43 1.85 3.16 0.00
C ASN A 43 0.93 2.12 0.68
N ARG A 44 1.11 1.87 1.98
CA ARG A 44 0.29 0.92 2.71
C ARG A 44 -1.11 1.51 2.90
N PHE A 45 -2.10 0.66 2.69
CA PHE A 45 -3.53 0.88 2.84
C PHE A 45 -4.08 -0.28 3.66
N ARG A 46 -5.36 -0.15 4.04
CA ARG A 46 -6.10 -1.15 4.81
C ARG A 46 -7.19 -1.81 3.99
N THR A 47 -7.58 -1.23 2.85
CA THR A 47 -8.58 -1.78 1.96
C THR A 47 -8.45 -1.12 0.59
N ILE A 48 -8.91 -1.84 -0.42
CA ILE A 48 -8.94 -1.39 -1.79
C ILE A 48 -10.02 -0.31 -1.93
N ASP A 49 -11.03 -0.30 -1.08
CA ASP A 49 -12.12 0.68 -1.13
C ASP A 49 -11.58 2.09 -0.85
N GLU A 50 -10.59 2.21 0.04
CA GLU A 50 -9.98 3.47 0.42
C GLU A 50 -8.97 3.87 -0.63
N CYS A 51 -8.14 2.89 -1.01
CA CYS A 51 -7.10 3.12 -1.98
C CYS A 51 -7.64 3.52 -3.34
N ASN A 52 -8.64 2.79 -3.84
CA ASN A 52 -9.20 3.10 -5.14
C ASN A 52 -9.89 4.45 -5.06
N ARG A 53 -10.74 4.69 -4.05
CA ARG A 53 -11.41 5.98 -3.97
C ARG A 53 -10.43 7.16 -3.85
N THR A 54 -9.23 6.96 -3.31
CA THR A 54 -8.24 8.03 -3.14
C THR A 54 -7.14 8.11 -4.22
N CYS A 55 -6.89 7.07 -5.04
CA CYS A 55 -5.84 7.08 -6.06
C CYS A 55 -6.23 6.43 -7.39
N VAL A 56 -7.32 5.70 -7.49
CA VAL A 56 -7.76 5.08 -8.74
C VAL A 56 -8.67 6.10 -9.41
N GLY A 57 -8.12 6.85 -10.37
CA GLY A 57 -8.84 7.86 -11.11
C GLY A 57 -9.91 7.19 -11.95
N ARG A 1 -4.11 10.23 -8.95
CA ARG A 1 -3.56 9.51 -7.79
C ARG A 1 -2.54 10.35 -6.99
N PRO A 2 -2.64 10.43 -5.65
CA PRO A 2 -1.71 11.18 -4.80
C PRO A 2 -0.41 10.42 -4.69
N ARG A 3 0.71 11.14 -4.76
CA ARG A 3 2.04 10.54 -4.70
C ARG A 3 2.35 9.71 -3.46
N PHE A 4 1.59 9.86 -2.36
CA PHE A 4 1.89 9.05 -1.19
C PHE A 4 1.46 7.60 -1.42
N CYS A 5 0.50 7.36 -2.31
CA CYS A 5 -0.05 6.07 -2.63
C CYS A 5 0.86 5.23 -3.55
N GLU A 6 1.87 5.84 -4.20
CA GLU A 6 2.78 5.17 -5.13
C GLU A 6 4.19 5.00 -4.56
N LEU A 7 4.32 4.98 -3.24
CA LEU A 7 5.61 4.80 -2.59
C LEU A 7 5.96 3.30 -2.57
N ALA A 8 7.16 2.97 -2.14
CA ALA A 8 7.64 1.60 -2.07
C ALA A 8 7.49 1.13 -0.63
N PRO A 9 6.66 0.11 -0.34
CA PRO A 9 6.48 -0.34 1.02
C PRO A 9 7.70 -1.16 1.50
N SER A 10 8.54 -0.58 2.37
CA SER A 10 9.71 -1.23 2.96
C SER A 10 9.21 -2.29 3.97
N ALA A 11 8.71 -3.42 3.46
CA ALA A 11 8.18 -4.53 4.22
C ALA A 11 9.26 -5.32 4.97
N GLY A 12 10.54 -5.02 4.76
CA GLY A 12 11.65 -5.73 5.40
C GLY A 12 12.28 -5.03 6.60
N SER A 13 11.84 -3.83 7.00
CA SER A 13 12.43 -3.12 8.13
C SER A 13 12.44 -3.92 9.44
N CYS A 14 11.29 -4.45 9.86
CA CYS A 14 11.17 -5.26 11.07
C CYS A 14 10.41 -6.52 10.66
N PHE A 15 10.64 -7.60 11.39
CA PHE A 15 9.99 -8.86 11.08
C PHE A 15 8.67 -8.88 11.83
N ALA A 16 7.60 -8.72 11.07
CA ALA A 16 6.21 -8.74 11.49
C ALA A 16 5.40 -9.28 10.31
N PHE A 17 4.17 -9.70 10.57
CA PHE A 17 3.29 -10.25 9.56
C PHE A 17 1.89 -9.62 9.64
N VAL A 18 1.61 -8.61 8.80
CA VAL A 18 0.33 -7.92 8.76
C VAL A 18 -0.07 -7.69 7.30
N PRO A 19 -1.08 -8.41 6.75
CA PRO A 19 -1.47 -8.22 5.36
C PRO A 19 -2.07 -6.84 5.20
N SER A 20 -1.48 -6.01 4.33
CA SER A 20 -1.94 -4.65 4.03
C SER A 20 -2.24 -4.54 2.52
N TYR A 21 -2.57 -3.36 1.98
CA TYR A 21 -2.87 -3.19 0.54
C TYR A 21 -1.80 -2.36 -0.14
N TYR A 22 -1.46 -2.81 -1.36
CA TYR A 22 -0.48 -2.26 -2.27
C TYR A 22 -1.23 -1.65 -3.46
N TYR A 23 -0.95 -0.41 -3.78
CA TYR A 23 -1.59 0.28 -4.91
C TYR A 23 -0.75 0.17 -6.17
N ASN A 24 -1.36 -0.23 -7.30
CA ASN A 24 -0.68 -0.36 -8.59
C ASN A 24 -1.31 0.62 -9.56
N GLN A 25 -0.70 1.80 -9.72
CA GLN A 25 -1.20 2.84 -10.62
C GLN A 25 -1.21 2.34 -12.06
N TYR A 26 -0.23 1.52 -12.45
CA TYR A 26 -0.14 0.97 -13.80
C TYR A 26 -1.43 0.21 -14.15
N SER A 27 -1.97 -0.52 -13.18
CA SER A 27 -3.19 -1.32 -13.34
C SER A 27 -4.42 -0.58 -12.82
N ASN A 28 -4.27 0.66 -12.35
CA ASN A 28 -5.31 1.51 -11.82
C ASN A 28 -6.17 0.73 -10.81
N THR A 29 -5.53 -0.06 -9.94
CA THR A 29 -6.21 -0.85 -8.92
C THR A 29 -5.30 -1.06 -7.71
N CYS A 30 -5.78 -1.79 -6.70
CA CYS A 30 -5.09 -2.09 -5.47
C CYS A 30 -5.17 -3.59 -5.22
N HIS A 31 -4.14 -4.16 -4.60
CA HIS A 31 -4.07 -5.59 -4.32
C HIS A 31 -3.45 -5.80 -2.95
N SER A 32 -3.91 -6.80 -2.20
CA SER A 32 -3.34 -7.03 -0.89
C SER A 32 -1.94 -7.63 -0.98
N PHE A 33 -1.04 -7.17 -0.12
CA PHE A 33 0.35 -7.59 0.00
C PHE A 33 0.71 -7.76 1.49
N THR A 34 1.94 -8.16 1.81
CA THR A 34 2.39 -8.36 3.19
C THR A 34 3.16 -7.13 3.68
N TYR A 35 2.78 -6.57 4.84
CA TYR A 35 3.44 -5.41 5.42
C TYR A 35 4.12 -5.78 6.75
N SER A 36 4.98 -4.89 7.27
CA SER A 36 5.73 -5.04 8.51
C SER A 36 5.06 -4.31 9.68
N GLY A 37 5.18 -2.98 9.74
CA GLY A 37 4.60 -2.17 10.81
C GLY A 37 5.52 -1.00 11.10
N CYS A 38 6.68 -1.27 11.71
CA CYS A 38 7.65 -0.24 12.03
C CYS A 38 8.14 0.49 10.79
N GLY A 39 8.27 -0.28 9.71
CA GLY A 39 8.72 0.16 8.40
C GLY A 39 7.56 0.24 7.46
N GLY A 40 7.92 0.45 6.20
CA GLY A 40 6.96 0.58 5.14
C GLY A 40 6.75 2.05 4.88
N ASN A 41 6.24 2.39 3.70
CA ASN A 41 5.99 3.77 3.33
C ASN A 41 4.50 4.05 3.38
N ALA A 42 4.15 5.32 3.16
CA ALA A 42 2.78 5.81 3.15
C ALA A 42 1.89 5.09 2.13
N ASN A 43 2.44 4.26 1.22
CA ASN A 43 1.59 3.56 0.26
C ASN A 43 0.76 2.47 0.94
N ARG A 44 0.86 2.28 2.25
CA ARG A 44 0.08 1.28 2.95
C ARG A 44 -1.39 1.72 3.07
N PHE A 45 -2.29 0.77 2.83
CA PHE A 45 -3.73 0.92 2.95
C PHE A 45 -4.28 -0.30 3.69
N ARG A 46 -5.52 -0.18 4.17
CA ARG A 46 -6.25 -1.21 4.92
C ARG A 46 -7.27 -1.93 4.05
N THR A 47 -7.68 -1.34 2.93
CA THR A 47 -8.63 -1.96 2.03
C THR A 47 -8.50 -1.32 0.65
N ILE A 48 -8.89 -2.08 -0.36
CA ILE A 48 -8.90 -1.66 -1.74
C ILE A 48 -9.93 -0.55 -1.91
N ASP A 49 -10.99 -0.56 -1.11
CA ASP A 49 -12.06 0.41 -1.18
C ASP A 49 -11.57 1.82 -0.87
N GLU A 50 -10.66 1.96 0.07
CA GLU A 50 -10.11 3.24 0.45
C GLU A 50 -8.99 3.58 -0.53
N CYS A 51 -8.17 2.57 -0.88
CA CYS A 51 -7.06 2.76 -1.78
C CYS A 51 -7.54 3.23 -3.17
N ASN A 52 -8.64 2.64 -3.67
CA ASN A 52 -9.18 2.99 -4.96
C ASN A 52 -9.84 4.36 -4.88
N ARG A 53 -10.77 4.56 -3.93
CA ARG A 53 -11.46 5.84 -3.80
C ARG A 53 -10.50 7.02 -3.58
N THR A 54 -9.32 6.81 -2.99
CA THR A 54 -8.36 7.88 -2.76
C THR A 54 -7.23 7.95 -3.79
N CYS A 55 -7.01 6.94 -4.65
CA CYS A 55 -5.91 6.97 -5.63
C CYS A 55 -6.33 6.68 -7.05
N VAL A 56 -7.03 5.58 -7.31
CA VAL A 56 -7.48 5.18 -8.65
C VAL A 56 -8.09 6.38 -9.37
N GLY A 57 -7.35 6.94 -10.33
CA GLY A 57 -7.72 8.10 -11.15
C GLY A 57 -6.51 8.98 -11.38
N ARG A 1 -3.89 10.65 -8.58
CA ARG A 1 -3.46 9.65 -7.60
C ARG A 1 -2.32 10.26 -6.77
N PRO A 2 -2.49 10.36 -5.44
CA PRO A 2 -1.50 10.95 -4.57
C PRO A 2 -0.22 10.09 -4.51
N ARG A 3 0.90 10.73 -4.23
CA ARG A 3 2.20 10.07 -4.16
C ARG A 3 2.34 9.10 -3.05
N PHE A 4 1.57 9.30 -1.99
CA PHE A 4 1.62 8.39 -0.86
C PHE A 4 1.22 7.00 -1.33
N CYS A 5 0.32 6.94 -2.31
CA CYS A 5 -0.13 5.68 -2.86
C CYS A 5 0.95 5.05 -3.74
N GLU A 6 1.90 5.83 -4.26
CA GLU A 6 2.94 5.29 -5.15
C GLU A 6 4.23 4.91 -4.42
N LEU A 7 4.26 4.94 -3.08
CA LEU A 7 5.47 4.61 -2.35
C LEU A 7 5.75 3.12 -2.41
N ALA A 8 6.98 2.77 -2.08
CA ALA A 8 7.45 1.40 -2.03
C ALA A 8 7.37 1.08 -0.55
N PRO A 9 6.56 0.11 -0.12
CA PRO A 9 6.43 -0.21 1.29
C PRO A 9 7.73 -0.82 1.84
N SER A 10 8.41 -0.13 2.77
CA SER A 10 9.66 -0.61 3.38
C SER A 10 9.31 -1.64 4.46
N ALA A 11 8.62 -2.71 4.09
CA ALA A 11 8.18 -3.80 4.94
C ALA A 11 9.33 -4.66 5.48
N GLY A 12 10.57 -4.42 5.04
CA GLY A 12 11.76 -5.15 5.49
C GLY A 12 12.36 -4.56 6.76
N SER A 13 11.66 -3.59 7.34
CA SER A 13 11.95 -2.82 8.53
C SER A 13 12.13 -3.68 9.78
N CYS A 14 11.12 -4.47 10.11
CA CYS A 14 11.07 -5.37 11.27
C CYS A 14 10.38 -6.65 10.84
N PHE A 15 10.60 -7.71 11.62
CA PHE A 15 10.02 -9.00 11.32
C PHE A 15 8.65 -9.12 11.96
N ALA A 16 7.61 -9.03 11.13
CA ALA A 16 6.22 -9.17 11.52
C ALA A 16 5.45 -9.73 10.32
N PHE A 17 4.21 -10.19 10.55
CA PHE A 17 3.36 -10.72 9.49
C PHE A 17 1.98 -10.08 9.61
N VAL A 18 1.72 -9.03 8.83
CA VAL A 18 0.45 -8.30 8.79
C VAL A 18 0.14 -8.00 7.32
N PRO A 19 -0.91 -8.57 6.72
CA PRO A 19 -1.22 -8.32 5.33
C PRO A 19 -1.88 -6.98 5.14
N SER A 20 -1.36 -6.19 4.20
CA SER A 20 -1.93 -4.89 3.86
C SER A 20 -2.25 -4.85 2.35
N TYR A 21 -2.69 -3.70 1.85
CA TYR A 21 -3.07 -3.42 0.49
C TYR A 21 -2.10 -2.43 -0.16
N TYR A 22 -1.65 -2.72 -1.39
CA TYR A 22 -0.71 -1.95 -2.21
C TYR A 22 -1.41 -1.28 -3.40
N TYR A 23 -1.00 -0.10 -3.84
CA TYR A 23 -1.67 0.57 -4.97
C TYR A 23 -0.85 0.41 -6.25
N ASN A 24 -1.50 0.20 -7.40
CA ASN A 24 -0.85 0.02 -8.71
C ASN A 24 -1.42 0.98 -9.76
N GLN A 25 -0.85 2.19 -9.93
CA GLN A 25 -1.31 3.15 -10.93
C GLN A 25 -1.23 2.54 -12.33
N TYR A 26 -0.28 1.63 -12.57
CA TYR A 26 -0.09 0.96 -13.85
C TYR A 26 -1.37 0.28 -14.33
N SER A 27 -2.16 -0.28 -13.40
CA SER A 27 -3.41 -0.97 -13.68
C SER A 27 -4.64 -0.21 -13.17
N ASN A 28 -4.45 0.97 -12.54
CA ASN A 28 -5.54 1.79 -12.02
C ASN A 28 -6.41 0.97 -11.05
N THR A 29 -5.77 0.24 -10.13
CA THR A 29 -6.41 -0.60 -9.11
C THR A 29 -5.44 -0.72 -7.93
N CYS A 30 -5.77 -1.53 -6.92
CA CYS A 30 -4.96 -1.79 -5.76
C CYS A 30 -5.01 -3.31 -5.55
N HIS A 31 -3.95 -3.90 -4.99
CA HIS A 31 -3.85 -5.33 -4.76
C HIS A 31 -3.19 -5.60 -3.41
N SER A 32 -3.60 -6.64 -2.70
CA SER A 32 -3.04 -6.97 -1.39
C SER A 32 -1.56 -7.35 -1.50
N PHE A 33 -0.77 -7.00 -0.49
CA PHE A 33 0.66 -7.26 -0.34
C PHE A 33 0.97 -7.62 1.12
N THR A 34 2.23 -7.87 1.47
CA THR A 34 2.66 -8.24 2.83
C THR A 34 3.32 -7.05 3.55
N TYR A 35 2.87 -6.68 4.77
CA TYR A 35 3.43 -5.57 5.54
C TYR A 35 4.03 -6.06 6.88
N SER A 36 4.58 -5.15 7.68
CA SER A 36 5.18 -5.44 8.98
C SER A 36 4.77 -4.34 9.98
N GLY A 37 5.20 -4.43 11.25
CA GLY A 37 4.85 -3.46 12.27
C GLY A 37 5.57 -2.13 12.10
N CYS A 38 6.87 -2.12 12.38
CA CYS A 38 7.70 -0.92 12.27
C CYS A 38 7.98 -0.55 10.81
N GLY A 39 8.67 0.58 10.59
CA GLY A 39 9.06 1.09 9.29
C GLY A 39 7.92 1.20 8.31
N GLY A 40 8.10 0.66 7.11
CA GLY A 40 7.12 0.69 6.04
C GLY A 40 6.97 2.09 5.46
N ASN A 41 6.10 2.25 4.48
CA ASN A 41 5.83 3.54 3.85
C ASN A 41 4.33 3.75 3.75
N ALA A 42 3.94 4.98 3.40
CA ALA A 42 2.54 5.37 3.25
C ALA A 42 1.74 4.51 2.27
N ASN A 43 2.41 3.72 1.42
CA ASN A 43 1.75 2.80 0.47
C ASN A 43 0.87 1.78 1.21
N ARG A 44 1.08 1.56 2.51
CA ARG A 44 0.27 0.64 3.29
C ARG A 44 -1.10 1.27 3.52
N PHE A 45 -2.16 0.49 3.39
CA PHE A 45 -3.55 0.90 3.56
C PHE A 45 -4.30 -0.07 4.49
N ARG A 46 -5.63 0.09 4.57
CA ARG A 46 -6.51 -0.74 5.39
C ARG A 46 -7.49 -1.55 4.54
N THR A 47 -7.83 -1.07 3.35
CA THR A 47 -8.75 -1.72 2.42
C THR A 47 -8.57 -1.13 1.03
N ILE A 48 -8.89 -1.94 0.01
CA ILE A 48 -8.83 -1.54 -1.40
C ILE A 48 -9.92 -0.51 -1.62
N ASP A 49 -11.07 -0.67 -0.99
CA ASP A 49 -12.23 0.21 -1.10
C ASP A 49 -11.86 1.68 -0.85
N GLU A 50 -10.94 1.95 0.08
CA GLU A 50 -10.54 3.32 0.37
C GLU A 50 -9.37 3.64 -0.54
N CYS A 51 -8.45 2.68 -0.75
CA CYS A 51 -7.31 2.90 -1.64
C CYS A 51 -7.76 3.37 -3.02
N ASN A 52 -8.80 2.72 -3.56
CA ASN A 52 -9.32 3.04 -4.87
C ASN A 52 -10.02 4.38 -4.81
N ARG A 53 -10.97 4.58 -3.89
CA ARG A 53 -11.68 5.86 -3.83
C ARG A 53 -10.73 7.07 -3.63
N THR A 54 -9.61 6.88 -2.95
CA THR A 54 -8.63 7.92 -2.65
C THR A 54 -7.47 8.05 -3.65
N CYS A 55 -7.24 7.09 -4.57
CA CYS A 55 -6.15 7.14 -5.52
C CYS A 55 -6.57 6.80 -6.95
N VAL A 56 -7.23 5.66 -7.17
CA VAL A 56 -7.68 5.20 -8.48
C VAL A 56 -8.42 6.33 -9.22
N GLY A 57 -7.82 6.78 -10.32
CA GLY A 57 -8.36 7.84 -11.16
C GLY A 57 -9.64 7.36 -11.82
N ARG A 1 -3.53 10.59 -8.61
CA ARG A 1 -3.17 9.74 -7.47
C ARG A 1 -2.16 10.51 -6.60
N PRO A 2 -2.35 10.58 -5.28
CA PRO A 2 -1.44 11.29 -4.40
C PRO A 2 -0.09 10.55 -4.35
N ARG A 3 1.00 11.29 -4.14
CA ARG A 3 2.37 10.75 -4.07
C ARG A 3 2.56 9.68 -2.99
N PHE A 4 1.72 9.63 -1.96
CA PHE A 4 1.91 8.61 -0.93
C PHE A 4 1.51 7.22 -1.43
N CYS A 5 0.62 7.14 -2.42
CA CYS A 5 0.16 5.88 -2.97
C CYS A 5 1.18 5.24 -3.90
N GLU A 6 2.19 5.98 -4.36
CA GLU A 6 3.17 5.41 -5.29
C GLU A 6 4.49 4.98 -4.65
N LEU A 7 4.57 4.97 -3.32
CA LEU A 7 5.79 4.59 -2.62
C LEU A 7 5.96 3.07 -2.67
N ALA A 8 7.18 2.61 -2.43
CA ALA A 8 7.52 1.19 -2.40
C ALA A 8 7.55 0.85 -0.92
N PRO A 9 6.66 -0.01 -0.40
CA PRO A 9 6.63 -0.35 1.01
C PRO A 9 7.83 -1.18 1.46
N SER A 10 8.75 -0.55 2.21
CA SER A 10 9.96 -1.15 2.77
C SER A 10 9.62 -2.02 3.98
N ALA A 11 8.63 -2.92 3.85
CA ALA A 11 8.19 -3.81 4.92
C ALA A 11 9.36 -4.59 5.52
N GLY A 12 10.36 -4.91 4.71
CA GLY A 12 11.55 -5.66 5.10
C GLY A 12 12.38 -4.97 6.19
N SER A 13 12.08 -3.72 6.57
CA SER A 13 12.81 -3.00 7.60
C SER A 13 12.57 -3.66 8.97
N CYS A 14 11.45 -4.34 9.16
CA CYS A 14 11.09 -5.03 10.40
C CYS A 14 10.39 -6.32 10.03
N PHE A 15 10.70 -7.42 10.69
CA PHE A 15 10.06 -8.68 10.40
C PHE A 15 8.82 -8.76 11.27
N ALA A 16 7.66 -8.60 10.64
CA ALA A 16 6.34 -8.68 11.23
C ALA A 16 5.39 -9.23 10.17
N PHE A 17 4.15 -9.53 10.55
CA PHE A 17 3.13 -10.04 9.63
C PHE A 17 1.81 -9.29 9.82
N VAL A 18 1.55 -8.29 8.99
CA VAL A 18 0.35 -7.48 8.96
C VAL A 18 -0.01 -7.33 7.47
N PRO A 19 -0.88 -8.18 6.90
CA PRO A 19 -1.22 -8.07 5.48
C PRO A 19 -1.94 -6.75 5.20
N SER A 20 -1.45 -5.99 4.24
CA SER A 20 -2.01 -4.70 3.81
C SER A 20 -2.35 -4.71 2.30
N TYR A 21 -2.77 -3.57 1.76
CA TYR A 21 -3.15 -3.30 0.38
C TYR A 21 -2.14 -2.34 -0.23
N TYR A 22 -1.71 -2.67 -1.45
CA TYR A 22 -0.75 -1.96 -2.29
C TYR A 22 -1.51 -1.31 -3.44
N TYR A 23 -1.08 -0.14 -3.91
CA TYR A 23 -1.71 0.59 -5.02
C TYR A 23 -0.87 0.38 -6.28
N ASN A 24 -1.49 -0.13 -7.35
CA ASN A 24 -0.84 -0.41 -8.63
C ASN A 24 -1.34 0.60 -9.65
N GLN A 25 -0.68 1.77 -9.77
CA GLN A 25 -1.09 2.79 -10.74
C GLN A 25 -1.06 2.21 -12.16
N TYR A 26 -0.09 1.32 -12.44
CA TYR A 26 0.06 0.69 -13.74
C TYR A 26 -1.20 -0.07 -14.17
N SER A 27 -2.02 -0.51 -13.22
CA SER A 27 -3.25 -1.24 -13.49
C SER A 27 -4.48 -0.48 -12.99
N ASN A 28 -4.26 0.74 -12.47
CA ASN A 28 -5.28 1.63 -11.95
C ASN A 28 -6.20 0.92 -10.97
N THR A 29 -5.61 0.16 -10.05
CA THR A 29 -6.32 -0.60 -9.04
C THR A 29 -5.38 -0.80 -7.83
N CYS A 30 -5.80 -1.62 -6.87
CA CYS A 30 -5.06 -1.95 -5.67
C CYS A 30 -5.11 -3.45 -5.50
N HIS A 31 -4.17 -4.02 -4.76
CA HIS A 31 -4.11 -5.46 -4.54
C HIS A 31 -3.44 -5.73 -3.20
N SER A 32 -3.89 -6.75 -2.49
CA SER A 32 -3.30 -7.05 -1.18
C SER A 32 -1.84 -7.51 -1.31
N PHE A 33 -0.98 -7.04 -0.40
CA PHE A 33 0.46 -7.34 -0.28
C PHE A 33 0.78 -7.64 1.21
N THR A 34 2.03 -7.92 1.58
CA THR A 34 2.43 -8.21 2.97
C THR A 34 3.20 -7.02 3.55
N TYR A 35 2.80 -6.51 4.72
CA TYR A 35 3.44 -5.38 5.39
C TYR A 35 3.94 -5.78 6.78
N SER A 36 4.69 -4.89 7.43
CA SER A 36 5.26 -5.04 8.77
C SER A 36 4.87 -3.82 9.63
N GLY A 37 5.19 -3.77 10.93
CA GLY A 37 4.78 -2.63 11.76
C GLY A 37 5.80 -1.50 11.83
N CYS A 38 6.96 -1.73 12.47
CA CYS A 38 8.02 -0.73 12.64
C CYS A 38 8.84 -0.39 11.39
N GLY A 39 8.28 -0.51 10.19
CA GLY A 39 8.96 -0.23 8.94
C GLY A 39 7.93 0.03 7.86
N GLY A 40 8.38 0.11 6.61
CA GLY A 40 7.52 0.32 5.46
C GLY A 40 7.34 1.77 5.06
N ASN A 41 6.52 1.98 4.02
CA ASN A 41 6.23 3.29 3.47
C ASN A 41 4.74 3.50 3.36
N ALA A 42 4.34 4.75 3.06
CA ALA A 42 2.95 5.14 2.96
C ALA A 42 2.08 4.35 1.97
N ASN A 43 2.64 3.54 1.04
CA ASN A 43 1.82 2.74 0.11
C ASN A 43 1.01 1.65 0.86
N ARG A 44 1.16 1.53 2.17
CA ARG A 44 0.41 0.58 2.99
C ARG A 44 -0.93 1.27 3.29
N PHE A 45 -2.05 0.55 3.15
CA PHE A 45 -3.41 1.03 3.41
C PHE A 45 -4.16 0.06 4.32
N ARG A 46 -5.48 0.23 4.47
CA ARG A 46 -6.31 -0.65 5.29
C ARG A 46 -7.35 -1.41 4.47
N THR A 47 -7.72 -0.96 3.28
CA THR A 47 -8.67 -1.65 2.42
C THR A 47 -8.56 -1.12 0.99
N ILE A 48 -9.02 -1.91 0.02
CA ILE A 48 -9.03 -1.53 -1.39
C ILE A 48 -10.06 -0.41 -1.61
N ASP A 49 -11.13 -0.39 -0.83
CA ASP A 49 -12.18 0.62 -0.94
C ASP A 49 -11.62 2.02 -0.71
N GLU A 50 -10.69 2.14 0.23
CA GLU A 50 -10.03 3.38 0.61
C GLU A 50 -8.95 3.65 -0.42
N CYS A 51 -8.11 2.65 -0.69
CA CYS A 51 -7.02 2.77 -1.64
C CYS A 51 -7.49 3.26 -3.01
N ASN A 52 -8.56 2.66 -3.51
CA ASN A 52 -9.10 3.02 -4.80
C ASN A 52 -9.74 4.39 -4.71
N ARG A 53 -10.69 4.59 -3.80
CA ARG A 53 -11.35 5.90 -3.70
C ARG A 53 -10.43 7.09 -3.43
N THR A 54 -9.25 6.87 -2.85
CA THR A 54 -8.28 7.91 -2.53
C THR A 54 -7.16 8.06 -3.58
N CYS A 55 -6.96 7.11 -4.51
CA CYS A 55 -5.88 7.18 -5.51
C CYS A 55 -6.27 6.76 -6.92
N VAL A 56 -7.16 5.78 -7.09
CA VAL A 56 -7.61 5.30 -8.40
C VAL A 56 -8.39 6.42 -9.06
N GLY A 57 -7.73 7.07 -10.02
CA GLY A 57 -8.21 8.16 -10.82
C GLY A 57 -9.06 7.65 -11.97
N ARG A 1 -3.98 10.64 -8.72
CA ARG A 1 -3.36 9.79 -7.68
C ARG A 1 -2.28 10.53 -6.89
N PRO A 2 -2.33 10.50 -5.54
CA PRO A 2 -1.30 11.12 -4.72
C PRO A 2 -0.04 10.23 -4.81
N ARG A 3 1.15 10.75 -4.47
CA ARG A 3 2.38 9.92 -4.57
C ARG A 3 2.59 9.03 -3.39
N PHE A 4 1.99 9.43 -2.29
CA PHE A 4 2.13 8.69 -1.06
C PHE A 4 1.62 7.29 -1.21
N CYS A 5 0.69 7.05 -2.14
CA CYS A 5 0.18 5.70 -2.24
C CYS A 5 1.03 4.79 -3.11
N GLU A 6 1.83 5.38 -3.99
CA GLU A 6 2.68 4.64 -4.92
C GLU A 6 4.10 4.45 -4.40
N LEU A 7 4.33 4.76 -3.11
CA LEU A 7 5.63 4.61 -2.49
C LEU A 7 5.98 3.13 -2.44
N ALA A 8 7.20 2.83 -2.02
CA ALA A 8 7.71 1.47 -1.92
C ALA A 8 7.56 1.06 -0.47
N PRO A 9 6.59 0.23 -0.10
CA PRO A 9 6.39 -0.18 1.27
C PRO A 9 7.59 -0.98 1.78
N SER A 10 8.42 -0.39 2.63
CA SER A 10 9.60 -1.01 3.22
C SER A 10 9.18 -2.04 4.29
N ALA A 11 8.51 -3.12 3.86
CA ALA A 11 7.98 -4.21 4.66
C ALA A 11 9.06 -5.08 5.34
N GLY A 12 10.34 -4.78 5.11
CA GLY A 12 11.46 -5.51 5.68
C GLY A 12 12.08 -4.80 6.88
N SER A 13 11.54 -3.64 7.28
CA SER A 13 12.06 -2.85 8.38
C SER A 13 12.24 -3.64 9.68
N CYS A 14 11.31 -4.53 9.99
CA CYS A 14 11.29 -5.41 11.15
C CYS A 14 10.58 -6.68 10.71
N PHE A 15 10.75 -7.76 11.49
CA PHE A 15 10.13 -9.03 11.16
C PHE A 15 8.75 -9.06 11.79
N ALA A 16 7.74 -8.93 10.95
CA ALA A 16 6.34 -8.97 11.33
C ALA A 16 5.55 -9.55 10.16
N PHE A 17 4.30 -9.95 10.42
CA PHE A 17 3.39 -10.48 9.42
C PHE A 17 2.05 -9.78 9.59
N VAL A 18 1.80 -8.74 8.78
CA VAL A 18 0.55 -7.99 8.81
C VAL A 18 0.17 -7.72 7.34
N PRO A 19 -0.75 -8.47 6.71
CA PRO A 19 -1.09 -8.21 5.33
C PRO A 19 -1.82 -6.88 5.20
N SER A 20 -1.37 -6.04 4.28
CA SER A 20 -1.92 -4.72 3.96
C SER A 20 -2.17 -4.59 2.43
N TYR A 21 -2.59 -3.42 1.92
CA TYR A 21 -2.89 -3.17 0.50
C TYR A 21 -1.91 -2.24 -0.17
N TYR A 22 -1.52 -2.61 -1.40
CA TYR A 22 -0.56 -1.92 -2.27
C TYR A 22 -1.30 -1.25 -3.42
N TYR A 23 -1.06 0.05 -3.65
CA TYR A 23 -1.71 0.76 -4.75
C TYR A 23 -0.89 0.59 -6.04
N ASN A 24 -1.50 0.09 -7.11
CA ASN A 24 -0.84 -0.11 -8.39
C ASN A 24 -1.30 0.92 -9.41
N GLN A 25 -0.62 2.06 -9.42
CA GLN A 25 -0.83 3.18 -10.31
C GLN A 25 -0.82 2.73 -11.77
N TYR A 26 0.09 1.81 -12.15
CA TYR A 26 0.21 1.31 -13.51
C TYR A 26 -1.05 0.57 -13.95
N SER A 27 -1.75 -0.06 -13.00
CA SER A 27 -2.96 -0.82 -13.28
C SER A 27 -4.23 -0.11 -12.78
N ASN A 28 -4.10 1.12 -12.24
CA ASN A 28 -5.17 1.95 -11.70
C ASN A 28 -6.08 1.10 -10.81
N THR A 29 -5.48 0.33 -9.91
CA THR A 29 -6.18 -0.53 -8.97
C THR A 29 -5.30 -0.70 -7.73
N CYS A 30 -5.69 -1.59 -6.84
CA CYS A 30 -4.99 -1.91 -5.61
C CYS A 30 -4.98 -3.43 -5.51
N HIS A 31 -4.00 -3.98 -4.80
CA HIS A 31 -3.90 -5.41 -4.62
C HIS A 31 -3.29 -5.65 -3.25
N SER A 32 -3.75 -6.67 -2.55
CA SER A 32 -3.21 -6.97 -1.22
C SER A 32 -1.76 -7.44 -1.36
N PHE A 33 -0.93 -7.06 -0.40
CA PHE A 33 0.49 -7.38 -0.28
C PHE A 33 0.80 -7.65 1.20
N THR A 34 2.04 -7.94 1.56
CA THR A 34 2.48 -8.23 2.92
C THR A 34 3.27 -7.05 3.53
N TYR A 35 2.89 -6.55 4.72
CA TYR A 35 3.53 -5.42 5.40
C TYR A 35 4.20 -5.82 6.74
N SER A 36 4.85 -4.88 7.43
CA SER A 36 5.52 -5.08 8.71
C SER A 36 5.03 -4.01 9.70
N GLY A 37 4.93 -4.33 10.99
CA GLY A 37 4.48 -3.38 12.00
C GLY A 37 5.31 -2.10 11.96
N CYS A 38 6.63 -2.24 12.09
CA CYS A 38 7.53 -1.11 12.04
C CYS A 38 7.87 -0.75 10.59
N GLY A 39 8.41 0.45 10.41
CA GLY A 39 8.84 1.01 9.15
C GLY A 39 7.78 1.03 8.07
N GLY A 40 8.22 0.82 6.84
CA GLY A 40 7.36 0.82 5.69
C GLY A 40 7.20 2.24 5.15
N ASN A 41 6.32 2.41 4.16
CA ASN A 41 6.02 3.71 3.57
C ASN A 41 4.50 3.91 3.53
N ALA A 42 4.07 5.13 3.20
CA ALA A 42 2.68 5.52 3.11
C ALA A 42 1.84 4.73 2.10
N ASN A 43 2.45 3.87 1.26
CA ASN A 43 1.74 3.03 0.30
C ASN A 43 0.70 2.10 0.96
N ARG A 44 0.72 1.97 2.29
CA ARG A 44 -0.17 1.10 3.05
C ARG A 44 -1.63 1.56 3.08
N PHE A 45 -2.50 0.57 2.95
CA PHE A 45 -3.95 0.69 3.00
C PHE A 45 -4.52 -0.52 3.75
N ARG A 46 -5.73 -0.38 4.30
CA ARG A 46 -6.43 -1.44 5.03
C ARG A 46 -7.45 -2.11 4.13
N THR A 47 -7.77 -1.51 2.98
CA THR A 47 -8.69 -2.04 2.01
C THR A 47 -8.50 -1.37 0.65
N ILE A 48 -8.95 -2.06 -0.41
CA ILE A 48 -8.91 -1.56 -1.77
C ILE A 48 -9.97 -0.46 -1.89
N ASP A 49 -11.02 -0.48 -1.09
CA ASP A 49 -12.11 0.50 -1.10
C ASP A 49 -11.57 1.91 -0.81
N GLU A 50 -10.53 2.01 0.03
CA GLU A 50 -9.91 3.27 0.41
C GLU A 50 -8.87 3.60 -0.65
N CYS A 51 -8.03 2.62 -0.95
CA CYS A 51 -6.98 2.76 -1.92
C CYS A 51 -7.50 3.25 -3.27
N ASN A 52 -8.64 2.71 -3.71
CA ASN A 52 -9.25 3.10 -4.97
C ASN A 52 -9.88 4.47 -4.83
N ARG A 53 -10.76 4.69 -3.85
CA ARG A 53 -11.41 5.99 -3.70
C ARG A 53 -10.42 7.16 -3.53
N THR A 54 -9.22 6.91 -3.02
CA THR A 54 -8.19 7.89 -2.77
C THR A 54 -7.09 7.98 -3.87
N CYS A 55 -6.83 6.95 -4.68
CA CYS A 55 -5.78 6.97 -5.72
C CYS A 55 -6.21 6.47 -7.10
N VAL A 56 -7.31 5.76 -7.22
CA VAL A 56 -7.78 5.28 -8.52
C VAL A 56 -8.58 6.44 -9.11
N GLY A 57 -7.86 7.32 -9.80
CA GLY A 57 -8.40 8.50 -10.46
C GLY A 57 -7.42 9.64 -10.42
N ARG A 1 -3.86 10.88 -8.58
CA ARG A 1 -3.41 9.86 -7.62
C ARG A 1 -2.35 10.50 -6.74
N PRO A 2 -2.57 10.60 -5.41
CA PRO A 2 -1.63 11.24 -4.51
C PRO A 2 -0.28 10.52 -4.54
N ARG A 3 0.79 11.30 -4.47
CA ARG A 3 2.15 10.78 -4.52
C ARG A 3 2.48 9.80 -3.40
N PHE A 4 1.77 9.85 -2.27
CA PHE A 4 2.10 8.92 -1.19
C PHE A 4 1.66 7.49 -1.56
N CYS A 5 0.72 7.36 -2.49
CA CYS A 5 0.18 6.09 -2.95
C CYS A 5 1.14 5.35 -3.87
N GLU A 6 2.17 5.99 -4.43
CA GLU A 6 3.09 5.31 -5.37
C GLU A 6 4.44 4.91 -4.77
N LEU A 7 4.58 5.06 -3.46
CA LEU A 7 5.83 4.75 -2.76
C LEU A 7 6.04 3.23 -2.60
N ALA A 8 7.21 2.83 -2.12
CA ALA A 8 7.59 1.43 -1.89
C ALA A 8 7.41 1.07 -0.41
N PRO A 9 6.41 0.26 -0.03
CA PRO A 9 6.15 -0.13 1.35
C PRO A 9 7.07 -1.26 1.81
N SER A 10 8.34 -0.94 2.09
CA SER A 10 9.36 -1.89 2.56
C SER A 10 8.88 -2.51 3.85
N ALA A 11 8.48 -3.78 3.81
CA ALA A 11 8.02 -4.47 5.01
C ALA A 11 9.20 -4.82 5.91
N GLY A 12 10.43 -4.77 5.40
CA GLY A 12 11.63 -5.12 6.17
C GLY A 12 11.98 -4.14 7.27
N SER A 13 11.28 -3.00 7.38
CA SER A 13 11.57 -2.00 8.40
C SER A 13 11.55 -2.55 9.83
N CYS A 14 10.70 -3.54 10.13
CA CYS A 14 10.53 -4.21 11.41
C CYS A 14 9.95 -5.58 11.07
N PHE A 15 10.27 -6.63 11.82
CA PHE A 15 9.74 -7.95 11.47
C PHE A 15 8.39 -8.22 12.12
N ALA A 16 7.34 -8.17 11.30
CA ALA A 16 5.97 -8.45 11.67
C ALA A 16 5.24 -9.01 10.44
N PHE A 17 4.05 -9.59 10.60
CA PHE A 17 3.27 -10.11 9.49
C PHE A 17 1.82 -9.65 9.59
N VAL A 18 1.47 -8.65 8.79
CA VAL A 18 0.14 -8.06 8.70
C VAL A 18 -0.18 -7.83 7.21
N PRO A 19 -0.95 -8.71 6.55
CA PRO A 19 -1.27 -8.54 5.14
C PRO A 19 -2.05 -7.24 4.97
N SER A 20 -1.47 -6.30 4.24
CA SER A 20 -2.03 -4.97 3.95
C SER A 20 -2.28 -4.81 2.43
N TYR A 21 -2.70 -3.64 1.92
CA TYR A 21 -2.98 -3.42 0.49
C TYR A 21 -1.98 -2.46 -0.18
N TYR A 22 -1.58 -2.79 -1.41
CA TYR A 22 -0.64 -2.11 -2.31
C TYR A 22 -1.44 -1.47 -3.45
N TYR A 23 -0.96 -0.36 -4.04
CA TYR A 23 -1.60 0.35 -5.16
C TYR A 23 -0.72 0.28 -6.41
N ASN A 24 -1.29 -0.11 -7.55
CA ASN A 24 -0.62 -0.26 -8.84
C ASN A 24 -1.30 0.68 -9.83
N GLN A 25 -0.82 1.92 -9.90
CA GLN A 25 -1.33 2.97 -10.79
C GLN A 25 -1.24 2.53 -12.25
N TYR A 26 -0.25 1.69 -12.59
CA TYR A 26 -0.07 1.17 -13.94
C TYR A 26 -1.34 0.48 -14.44
N SER A 27 -1.98 -0.24 -13.53
CA SER A 27 -3.20 -1.01 -13.78
C SER A 27 -4.43 -0.31 -13.19
N ASN A 28 -4.30 0.92 -12.69
CA ASN A 28 -5.38 1.70 -12.09
C ASN A 28 -6.14 0.83 -11.08
N THR A 29 -5.42 0.08 -10.24
CA THR A 29 -6.04 -0.77 -9.24
C THR A 29 -5.11 -0.92 -8.05
N CYS A 30 -5.48 -1.80 -7.13
CA CYS A 30 -4.77 -2.14 -5.92
C CYS A 30 -4.79 -3.65 -5.78
N HIS A 31 -3.95 -4.18 -4.90
CA HIS A 31 -3.87 -5.59 -4.66
C HIS A 31 -3.30 -5.83 -3.27
N SER A 32 -3.75 -6.89 -2.61
CA SER A 32 -3.24 -7.20 -1.29
C SER A 32 -1.76 -7.60 -1.39
N PHE A 33 -0.94 -7.22 -0.41
CA PHE A 33 0.48 -7.53 -0.30
C PHE A 33 0.77 -7.83 1.17
N THR A 34 2.02 -8.13 1.53
CA THR A 34 2.39 -8.43 2.92
C THR A 34 3.14 -7.27 3.54
N TYR A 35 2.75 -6.82 4.75
CA TYR A 35 3.37 -5.69 5.44
C TYR A 35 3.71 -6.06 6.89
N SER A 36 4.35 -5.13 7.61
CA SER A 36 4.79 -5.21 9.00
C SER A 36 4.52 -3.85 9.70
N GLY A 37 4.21 -3.82 11.00
CA GLY A 37 3.92 -2.64 11.81
C GLY A 37 4.58 -1.32 11.38
N CYS A 38 5.90 -1.21 11.45
CA CYS A 38 6.68 -0.01 11.10
C CYS A 38 6.54 0.44 9.65
N GLY A 39 7.04 -0.38 8.71
CA GLY A 39 7.02 -0.16 7.27
C GLY A 39 7.95 0.90 6.72
N GLY A 40 8.19 0.80 5.42
CA GLY A 40 9.07 1.66 4.65
C GLY A 40 8.40 2.96 4.21
N ASN A 41 7.25 2.88 3.52
CA ASN A 41 6.53 4.06 3.04
C ASN A 41 5.02 3.94 3.10
N ALA A 42 4.39 5.11 2.92
CA ALA A 42 2.96 5.38 2.97
C ALA A 42 2.08 4.61 1.98
N ASN A 43 2.65 3.86 1.02
CA ASN A 43 1.85 3.09 0.06
C ASN A 43 1.04 2.00 0.76
N ARG A 44 1.30 1.71 2.04
CA ARG A 44 0.48 0.69 2.69
C ARG A 44 -0.92 1.21 3.00
N PHE A 45 -1.95 0.43 2.60
CA PHE A 45 -3.37 0.71 2.83
C PHE A 45 -3.95 -0.43 3.68
N ARG A 46 -5.15 -0.22 4.20
CA ARG A 46 -5.87 -1.18 5.05
C ARG A 46 -7.04 -1.82 4.34
N THR A 47 -7.45 -1.29 3.19
CA THR A 47 -8.53 -1.85 2.40
C THR A 47 -8.43 -1.30 1.00
N ILE A 48 -8.89 -2.10 0.03
CA ILE A 48 -8.89 -1.69 -1.35
C ILE A 48 -9.93 -0.57 -1.52
N ASP A 49 -10.94 -0.50 -0.65
CA ASP A 49 -12.00 0.49 -0.76
C ASP A 49 -11.47 1.90 -0.54
N GLU A 50 -10.45 2.06 0.30
CA GLU A 50 -9.87 3.36 0.59
C GLU A 50 -8.74 3.64 -0.39
N CYS A 51 -7.96 2.63 -0.77
CA CYS A 51 -6.87 2.82 -1.71
C CYS A 51 -7.43 3.25 -3.08
N ASN A 52 -8.55 2.65 -3.49
CA ASN A 52 -9.16 2.93 -4.76
C ASN A 52 -9.81 4.29 -4.70
N ARG A 53 -10.69 4.53 -3.72
CA ARG A 53 -11.34 5.83 -3.65
C ARG A 53 -10.37 7.02 -3.56
N THR A 54 -9.14 6.84 -3.04
CA THR A 54 -8.18 7.93 -2.90
C THR A 54 -7.14 8.00 -4.03
N CYS A 55 -6.92 6.95 -4.84
CA CYS A 55 -5.90 6.97 -5.90
C CYS A 55 -6.32 6.32 -7.22
N VAL A 56 -7.29 5.41 -7.23
CA VAL A 56 -7.74 4.78 -8.46
C VAL A 56 -8.59 5.80 -9.20
N GLY A 57 -7.99 6.44 -10.19
CA GLY A 57 -8.64 7.42 -11.03
C GLY A 57 -7.62 8.39 -11.52
N ARG A 1 -4.12 10.79 -8.33
CA ARG A 1 -3.47 9.78 -7.49
C ARG A 1 -2.41 10.49 -6.64
N PRO A 2 -2.57 10.55 -5.31
CA PRO A 2 -1.62 11.20 -4.42
C PRO A 2 -0.30 10.45 -4.46
N ARG A 3 0.82 11.18 -4.48
CA ARG A 3 2.14 10.56 -4.54
C ARG A 3 2.44 9.69 -3.32
N PHE A 4 1.67 9.78 -2.23
CA PHE A 4 1.95 8.94 -1.08
C PHE A 4 1.59 7.47 -1.39
N CYS A 5 0.70 7.20 -2.37
CA CYS A 5 0.33 5.82 -2.69
C CYS A 5 1.23 5.17 -3.73
N GLU A 6 2.19 5.89 -4.29
CA GLU A 6 3.11 5.34 -5.29
C GLU A 6 4.49 5.02 -4.68
N LEU A 7 4.56 5.00 -3.35
CA LEU A 7 5.79 4.70 -2.63
C LEU A 7 6.04 3.19 -2.63
N ALA A 8 7.23 2.80 -2.19
CA ALA A 8 7.65 1.41 -2.13
C ALA A 8 7.47 0.96 -0.68
N PRO A 9 6.69 -0.08 -0.38
CA PRO A 9 6.50 -0.50 1.00
C PRO A 9 7.77 -1.17 1.55
N SER A 10 8.57 -0.42 2.28
CA SER A 10 9.83 -0.83 2.93
C SER A 10 9.57 -1.76 4.14
N ALA A 11 8.60 -2.67 4.05
CA ALA A 11 8.21 -3.61 5.07
C ALA A 11 9.38 -4.46 5.58
N GLY A 12 10.43 -4.66 4.78
CA GLY A 12 11.57 -5.47 5.18
C GLY A 12 12.40 -4.87 6.32
N SER A 13 12.14 -3.61 6.69
CA SER A 13 12.82 -2.87 7.74
C SER A 13 12.72 -3.51 9.13
N CYS A 14 11.58 -4.10 9.48
CA CYS A 14 11.37 -4.72 10.79
C CYS A 14 10.68 -6.06 10.62
N PHE A 15 10.72 -6.93 11.63
CA PHE A 15 10.05 -8.21 11.48
C PHE A 15 8.64 -8.02 11.96
N ALA A 16 7.69 -7.93 11.03
CA ALA A 16 6.29 -7.82 11.34
C ALA A 16 5.49 -8.47 10.24
N PHE A 17 4.28 -8.93 10.58
CA PHE A 17 3.38 -9.59 9.66
C PHE A 17 1.98 -9.00 9.78
N VAL A 18 1.65 -8.10 8.88
CA VAL A 18 0.36 -7.43 8.81
C VAL A 18 -0.04 -7.39 7.32
N PRO A 19 -0.88 -8.31 6.81
CA PRO A 19 -1.26 -8.28 5.42
C PRO A 19 -2.02 -6.97 5.19
N SER A 20 -1.56 -6.17 4.24
CA SER A 20 -2.17 -4.88 3.91
C SER A 20 -2.30 -4.68 2.38
N TYR A 21 -2.72 -3.51 1.87
CA TYR A 21 -2.95 -3.28 0.43
C TYR A 21 -1.97 -2.34 -0.25
N TYR A 22 -1.57 -2.73 -1.45
CA TYR A 22 -0.64 -2.07 -2.37
C TYR A 22 -1.47 -1.33 -3.43
N TYR A 23 -0.96 -0.23 -3.99
CA TYR A 23 -1.65 0.55 -5.04
C TYR A 23 -0.87 0.42 -6.35
N ASN A 24 -1.57 0.17 -7.46
CA ASN A 24 -0.98 0.03 -8.79
C ASN A 24 -1.60 0.99 -9.80
N GLN A 25 -1.08 2.24 -9.88
CA GLN A 25 -1.55 3.24 -10.86
C GLN A 25 -1.51 2.64 -12.27
N TYR A 26 -0.49 1.80 -12.55
CA TYR A 26 -0.24 1.12 -13.80
C TYR A 26 -1.47 0.36 -14.31
N SER A 27 -2.29 -0.18 -13.40
CA SER A 27 -3.50 -0.93 -13.75
C SER A 27 -4.75 -0.26 -13.15
N ASN A 28 -4.64 0.99 -12.69
CA ASN A 28 -5.71 1.78 -12.08
C ASN A 28 -6.46 0.95 -11.03
N THR A 29 -5.72 0.24 -10.18
CA THR A 29 -6.31 -0.60 -9.15
C THR A 29 -5.32 -0.76 -7.99
N CYS A 30 -5.59 -1.72 -7.11
CA CYS A 30 -4.82 -2.07 -5.94
C CYS A 30 -4.74 -3.58 -5.84
N HIS A 31 -3.92 -4.08 -4.91
CA HIS A 31 -3.76 -5.50 -4.70
C HIS A 31 -3.26 -5.77 -3.29
N SER A 32 -3.81 -6.78 -2.62
CA SER A 32 -3.36 -7.11 -1.28
C SER A 32 -1.92 -7.64 -1.36
N PHE A 33 -1.05 -7.20 -0.47
CA PHE A 33 0.36 -7.58 -0.35
C PHE A 33 0.67 -7.78 1.13
N THR A 34 1.92 -8.08 1.48
CA THR A 34 2.36 -8.33 2.86
C THR A 34 3.10 -7.11 3.42
N TYR A 35 2.67 -6.55 4.57
CA TYR A 35 3.30 -5.37 5.18
C TYR A 35 3.93 -5.68 6.54
N SER A 36 4.58 -4.69 7.15
CA SER A 36 5.24 -4.74 8.43
C SER A 36 4.77 -3.49 9.19
N GLY A 37 4.21 -3.63 10.40
CA GLY A 37 3.70 -2.49 11.18
C GLY A 37 4.77 -1.45 11.49
N CYS A 38 6.02 -1.89 11.58
CA CYS A 38 7.20 -1.08 11.84
C CYS A 38 7.86 -0.98 10.47
N GLY A 39 8.37 0.20 10.12
CA GLY A 39 8.99 0.38 8.82
C GLY A 39 7.90 0.53 7.76
N GLY A 40 8.31 0.55 6.50
CA GLY A 40 7.38 0.67 5.38
C GLY A 40 7.14 2.13 5.00
N ASN A 41 6.35 2.35 3.95
CA ASN A 41 6.01 3.69 3.44
C ASN A 41 4.50 3.84 3.38
N ALA A 42 4.07 5.10 3.21
CA ALA A 42 2.67 5.49 3.14
C ALA A 42 1.85 4.79 2.05
N ASN A 43 2.42 4.07 1.08
CA ASN A 43 1.60 3.40 0.07
C ASN A 43 0.77 2.26 0.61
N ARG A 44 0.92 1.93 1.89
CA ARG A 44 0.21 0.90 2.58
C ARG A 44 -1.22 1.36 2.87
N PHE A 45 -2.19 0.49 2.60
CA PHE A 45 -3.62 0.70 2.85
C PHE A 45 -4.15 -0.48 3.66
N ARG A 46 -5.37 -0.34 4.18
CA ARG A 46 -6.06 -1.34 5.00
C ARG A 46 -7.17 -2.06 4.25
N THR A 47 -7.60 -1.53 3.10
CA THR A 47 -8.62 -2.14 2.28
C THR A 47 -8.56 -1.52 0.90
N ILE A 48 -9.10 -2.25 -0.07
CA ILE A 48 -9.16 -1.78 -1.44
C ILE A 48 -10.16 -0.63 -1.57
N ASP A 49 -11.18 -0.58 -0.72
CA ASP A 49 -12.21 0.46 -0.78
C ASP A 49 -11.60 1.83 -0.48
N GLU A 50 -10.57 1.85 0.37
CA GLU A 50 -9.89 3.07 0.76
C GLU A 50 -8.85 3.38 -0.31
N CYS A 51 -8.03 2.39 -0.64
CA CYS A 51 -6.98 2.59 -1.62
C CYS A 51 -7.52 3.04 -2.98
N ASN A 52 -8.64 2.47 -3.42
CA ASN A 52 -9.21 2.83 -4.71
C ASN A 52 -9.87 4.20 -4.59
N ARG A 53 -10.76 4.43 -3.61
CA ARG A 53 -11.39 5.74 -3.51
C ARG A 53 -10.38 6.89 -3.34
N THR A 54 -9.20 6.62 -2.76
CA THR A 54 -8.18 7.62 -2.52
C THR A 54 -7.11 7.74 -3.63
N CYS A 55 -6.96 6.79 -4.58
CA CYS A 55 -5.94 6.89 -5.64
C CYS A 55 -6.39 6.38 -7.01
N VAL A 56 -7.38 5.52 -7.09
CA VAL A 56 -7.89 5.00 -8.36
C VAL A 56 -8.75 6.13 -8.95
N GLY A 57 -8.09 7.02 -9.68
CA GLY A 57 -8.70 8.18 -10.33
C GLY A 57 -9.36 7.74 -11.61
N ARG A 1 -4.62 11.00 -8.30
CA ARG A 1 -3.87 9.95 -7.58
C ARG A 1 -2.71 10.59 -6.83
N PRO A 2 -2.72 10.55 -5.49
CA PRO A 2 -1.68 11.14 -4.67
C PRO A 2 -0.41 10.29 -4.79
N ARG A 3 0.73 10.96 -4.92
CA ARG A 3 2.03 10.29 -5.03
C ARG A 3 2.36 9.39 -3.83
N PHE A 4 1.75 9.60 -2.67
CA PHE A 4 2.05 8.74 -1.52
C PHE A 4 1.63 7.30 -1.81
N CYS A 5 0.67 7.10 -2.74
CA CYS A 5 0.18 5.79 -3.11
C CYS A 5 1.21 4.98 -3.92
N GLU A 6 2.18 5.64 -4.56
CA GLU A 6 3.19 4.99 -5.39
C GLU A 6 4.49 4.66 -4.65
N LEU A 7 4.53 4.82 -3.33
CA LEU A 7 5.75 4.54 -2.59
C LEU A 7 6.05 3.05 -2.52
N ALA A 8 7.27 2.72 -2.13
CA ALA A 8 7.74 1.35 -2.01
C ALA A 8 7.56 0.95 -0.55
N PRO A 9 6.74 -0.06 -0.22
CA PRO A 9 6.52 -0.45 1.17
C PRO A 9 7.78 -1.07 1.79
N SER A 10 8.53 -0.27 2.56
CA SER A 10 9.76 -0.68 3.24
C SER A 10 9.49 -1.59 4.46
N ALA A 11 8.76 -2.68 4.27
CA ALA A 11 8.41 -3.62 5.33
C ALA A 11 9.59 -4.45 5.88
N GLY A 12 10.75 -4.45 5.23
CA GLY A 12 11.91 -5.22 5.67
C GLY A 12 12.57 -4.76 6.96
N SER A 13 12.20 -3.60 7.50
CA SER A 13 12.76 -3.02 8.71
C SER A 13 12.70 -3.93 9.95
N CYS A 14 11.61 -4.68 10.16
CA CYS A 14 11.44 -5.58 11.31
C CYS A 14 10.61 -6.78 10.90
N PHE A 15 10.63 -7.82 11.73
CA PHE A 15 9.88 -9.03 11.48
C PHE A 15 8.50 -8.87 12.11
N ALA A 16 7.49 -8.69 11.26
CA ALA A 16 6.11 -8.56 11.65
C ALA A 16 5.30 -9.14 10.50
N PHE A 17 4.10 -9.64 10.79
CA PHE A 17 3.25 -10.21 9.78
C PHE A 17 1.89 -9.51 9.86
N VAL A 18 1.68 -8.52 9.01
CA VAL A 18 0.46 -7.74 8.93
C VAL A 18 0.14 -7.55 7.44
N PRO A 19 -0.65 -8.45 6.82
CA PRO A 19 -1.01 -8.31 5.41
C PRO A 19 -1.85 -7.04 5.28
N SER A 20 -1.37 -6.12 4.48
CA SER A 20 -1.98 -4.83 4.19
C SER A 20 -2.22 -4.68 2.67
N TYR A 21 -2.67 -3.52 2.20
CA TYR A 21 -2.98 -3.27 0.80
C TYR A 21 -2.03 -2.31 0.11
N TYR A 22 -1.64 -2.63 -1.13
CA TYR A 22 -0.73 -1.94 -2.05
C TYR A 22 -1.56 -1.23 -3.14
N TYR A 23 -0.97 -0.34 -3.93
CA TYR A 23 -1.61 0.38 -5.04
C TYR A 23 -0.77 0.26 -6.31
N ASN A 24 -1.41 0.05 -7.47
CA ASN A 24 -0.72 -0.07 -8.74
C ASN A 24 -1.43 0.80 -9.77
N GLN A 25 -0.95 2.04 -9.93
CA GLN A 25 -1.48 3.02 -10.88
C GLN A 25 -1.49 2.43 -12.30
N TYR A 26 -0.53 1.58 -12.63
CA TYR A 26 -0.40 0.93 -13.94
C TYR A 26 -1.69 0.20 -14.35
N SER A 27 -2.43 -0.34 -13.38
CA SER A 27 -3.68 -1.08 -13.56
C SER A 27 -4.87 -0.30 -12.98
N ASN A 28 -4.66 0.95 -12.54
CA ASN A 28 -5.65 1.85 -11.95
C ASN A 28 -6.48 1.08 -10.91
N THR A 29 -5.78 0.30 -10.07
CA THR A 29 -6.40 -0.49 -9.02
C THR A 29 -5.41 -0.73 -7.88
N CYS A 30 -5.78 -1.58 -6.93
CA CYS A 30 -4.99 -1.89 -5.76
C CYS A 30 -5.02 -3.39 -5.46
N HIS A 31 -4.15 -3.88 -4.57
CA HIS A 31 -4.11 -5.30 -4.27
C HIS A 31 -3.49 -5.58 -2.91
N SER A 32 -3.90 -6.64 -2.21
CA SER A 32 -3.31 -6.93 -0.91
C SER A 32 -1.90 -7.52 -1.10
N PHE A 33 -0.99 -7.15 -0.20
CA PHE A 33 0.43 -7.51 -0.12
C PHE A 33 0.83 -7.70 1.36
N THR A 34 2.09 -7.97 1.67
CA THR A 34 2.57 -8.17 3.07
C THR A 34 3.31 -6.93 3.61
N TYR A 35 2.93 -6.43 4.81
CA TYR A 35 3.55 -5.25 5.43
C TYR A 35 4.23 -5.61 6.76
N SER A 36 4.76 -4.64 7.48
CA SER A 36 5.43 -4.83 8.77
C SER A 36 5.02 -3.69 9.71
N GLY A 37 5.44 -3.78 10.97
CA GLY A 37 5.15 -2.77 11.97
C GLY A 37 6.09 -1.59 11.75
N CYS A 38 7.40 -1.84 11.82
CA CYS A 38 8.45 -0.85 11.62
C CYS A 38 8.48 -0.34 10.17
N GLY A 39 9.32 0.67 9.94
CA GLY A 39 9.59 1.34 8.68
C GLY A 39 8.35 1.46 7.79
N GLY A 40 8.40 0.85 6.62
CA GLY A 40 7.32 0.88 5.65
C GLY A 40 7.13 2.29 5.09
N ASN A 41 6.26 2.44 4.09
CA ASN A 41 5.95 3.74 3.48
C ASN A 41 4.43 3.87 3.36
N ALA A 42 3.97 5.08 3.03
CA ALA A 42 2.57 5.46 2.86
C ALA A 42 1.80 4.63 1.83
N ASN A 43 2.47 3.86 0.96
CA ASN A 43 1.81 3.01 -0.02
C ASN A 43 0.93 1.92 0.62
N ARG A 44 0.99 1.73 1.94
CA ARG A 44 0.20 0.75 2.65
C ARG A 44 -1.16 1.31 3.02
N PHE A 45 -2.21 0.52 2.80
CA PHE A 45 -3.60 0.83 3.11
C PHE A 45 -4.21 -0.33 3.88
N ARG A 46 -5.43 -0.12 4.36
CA ARG A 46 -6.21 -1.10 5.11
C ARG A 46 -7.21 -1.78 4.20
N THR A 47 -7.52 -1.21 3.03
CA THR A 47 -8.45 -1.82 2.09
C THR A 47 -8.28 -1.20 0.72
N ILE A 48 -8.65 -1.97 -0.31
CA ILE A 48 -8.64 -1.51 -1.69
C ILE A 48 -9.72 -0.44 -1.80
N ASP A 49 -10.77 -0.53 -1.01
CA ASP A 49 -11.85 0.45 -1.03
C ASP A 49 -11.23 1.81 -0.77
N GLU A 50 -10.50 2.03 0.33
CA GLU A 50 -9.93 3.33 0.60
C GLU A 50 -8.91 3.68 -0.44
N CYS A 51 -8.09 2.72 -0.85
CA CYS A 51 -7.06 2.94 -1.84
C CYS A 51 -7.63 3.39 -3.18
N ASN A 52 -8.75 2.82 -3.63
CA ASN A 52 -9.32 3.19 -4.91
C ASN A 52 -9.96 4.56 -4.81
N ARG A 53 -10.64 4.81 -3.71
CA ARG A 53 -11.28 6.11 -3.48
C ARG A 53 -10.25 7.22 -3.33
N THR A 54 -9.13 6.92 -2.69
CA THR A 54 -8.06 7.87 -2.45
C THR A 54 -7.04 7.87 -3.60
N CYS A 55 -7.04 6.89 -4.52
CA CYS A 55 -6.01 6.88 -5.59
C CYS A 55 -6.39 6.39 -6.98
N VAL A 56 -7.51 5.73 -7.17
CA VAL A 56 -7.94 5.24 -8.48
C VAL A 56 -8.74 6.39 -9.10
N GLY A 57 -8.04 7.24 -9.84
CA GLY A 57 -8.59 8.41 -10.51
C GLY A 57 -7.90 9.67 -10.01
#